data_6A8C
#
_entry.id   6A8C
#
_cell.length_a   100.700
_cell.length_b   100.700
_cell.length_c   126.280
_cell.angle_alpha   90.00
_cell.angle_beta   90.00
_cell.angle_gamma   120.00
#
_symmetry.space_group_name_H-M   'P 61'
#
loop_
_entity.id
_entity.type
_entity.pdbx_description
1 polymer Ribokinase
2 non-polymer GLYCEROL
3 non-polymer 'SODIUM ION'
4 non-polymer 'CHLORIDE ION'
5 non-polymer "ADENOSINE-5'-DIPHOSPHATE"
6 water water
#
_entity_poly.entity_id   1
_entity_poly.type   'polypeptide(L)'
_entity_poly.pdbx_seq_one_letter_code
;MGSSHHHHHHSSGLVPRGSHMHRARNVRSHTGEYAPDILVVGSCFLDYVGYVDHMPQVGETMHSVSFHKGFGGKGANQAV
AAGRLGAKVAMVSMVGTDGDGSDYIKELERNGVDTAYMFRTGKSSTGLAMILVDTKSSNNEIVICPNATNHFTPELLRAQ
TNNYERILHTGLKYLICQNEIPLPTTLDTIKEAHSRGVYTVFNSAPAPKPAEVEQIKPFLPYVSLFCPNEVEATLITGVK
VTDTESAFSAIKALQQLGVRDVVITLGAAGFVLSENGAEPVHVTGKHVKAVDTTGAGDCFVGSMVYFMSRGRNLLEACKR
ANECAAISVTRKGTQLSYPHPSELPAGVM
;
_entity_poly.pdbx_strand_id   A,B
#
# COMPACT_ATOMS: atom_id res chain seq x y z
N ARG A 23 12.81 -10.55 -14.02
CA ARG A 23 11.65 -11.46 -13.77
C ARG A 23 11.76 -12.09 -12.37
N ALA A 24 10.81 -11.73 -11.51
CA ALA A 24 10.67 -12.32 -10.19
C ALA A 24 9.96 -13.69 -10.30
N ARG A 25 9.05 -13.81 -11.28
CA ARG A 25 8.15 -14.98 -11.39
C ARG A 25 8.97 -16.21 -11.76
N ASN A 26 8.43 -17.40 -11.44
CA ASN A 26 8.94 -18.66 -11.93
C ASN A 26 8.77 -18.70 -13.47
N VAL A 27 9.56 -19.57 -14.10
CA VAL A 27 9.43 -19.90 -15.51
C VAL A 27 9.09 -21.38 -15.63
N ARG A 28 8.11 -21.70 -16.48
CA ARG A 28 7.72 -23.10 -16.73
C ARG A 28 8.70 -23.69 -17.73
N SER A 29 8.90 -25.02 -17.67
CA SER A 29 9.74 -25.73 -18.67
C SER A 29 8.89 -26.10 -19.89
N HIS A 30 9.54 -26.42 -21.00
CA HIS A 30 8.83 -26.78 -22.24
C HIS A 30 8.32 -28.22 -22.14
N THR A 31 8.98 -29.01 -21.28
CA THR A 31 8.65 -30.43 -21.07
C THR A 31 7.65 -30.57 -19.91
N GLY A 32 7.55 -29.52 -19.09
CA GLY A 32 6.56 -29.44 -18.01
C GLY A 32 6.96 -30.25 -16.80
N GLU A 33 8.26 -30.29 -16.50
CA GLU A 33 8.80 -31.18 -15.46
C GLU A 33 8.46 -30.63 -14.07
N TYR A 34 8.08 -29.35 -13.98
CA TYR A 34 7.79 -28.70 -12.68
C TYR A 34 6.29 -28.46 -12.52
N ALA A 35 5.47 -29.11 -13.37
CA ALA A 35 4.03 -28.85 -13.43
C ALA A 35 3.37 -29.15 -12.09
N PRO A 36 2.43 -28.31 -11.64
CA PRO A 36 1.86 -28.43 -10.30
C PRO A 36 0.77 -29.51 -10.20
N ASP A 37 0.57 -30.03 -8.99
CA ASP A 37 -0.54 -30.90 -8.66
C ASP A 37 -1.80 -30.07 -8.44
N ILE A 38 -1.62 -28.89 -7.82
CA ILE A 38 -2.71 -28.04 -7.38
C ILE A 38 -2.56 -26.67 -8.06
N LEU A 39 -3.63 -26.24 -8.73
CA LEU A 39 -3.75 -24.88 -9.29
C LEU A 39 -4.75 -24.09 -8.46
N VAL A 40 -4.34 -22.92 -8.00
CA VAL A 40 -5.22 -21.98 -7.34
C VAL A 40 -5.44 -20.79 -8.27
N VAL A 41 -6.71 -20.57 -8.63
CA VAL A 41 -7.09 -19.47 -9.47
C VAL A 41 -7.94 -18.52 -8.64
N GLY A 42 -7.35 -17.39 -8.22
CA GLY A 42 -8.01 -16.49 -7.27
C GLY A 42 -7.17 -15.25 -6.96
N SER A 43 -7.43 -14.69 -5.78
CA SER A 43 -7.07 -13.33 -5.42
C SER A 43 -5.71 -13.30 -4.70
N CYS A 44 -4.99 -12.19 -4.93
CA CYS A 44 -3.85 -11.81 -4.12
C CYS A 44 -4.03 -10.36 -3.70
N PHE A 45 -4.21 -10.13 -2.38
CA PHE A 45 -4.33 -8.79 -1.83
C PHE A 45 -3.25 -8.58 -0.77
N LEU A 46 -2.53 -7.45 -0.86
CA LEU A 46 -1.69 -6.97 0.23
C LEU A 46 -2.60 -6.38 1.30
N ASP A 47 -2.24 -6.56 2.57
CA ASP A 47 -2.99 -6.00 3.65
C ASP A 47 -2.17 -4.89 4.30
N TYR A 48 -2.67 -3.67 4.19
CA TYR A 48 -1.99 -2.50 4.68
C TYR A 48 -2.68 -2.09 5.98
N VAL A 49 -2.06 -2.41 7.12
CA VAL A 49 -2.74 -2.32 8.41
C VAL A 49 -2.16 -1.16 9.22
N GLY A 50 -3.00 -0.15 9.45
CA GLY A 50 -2.65 0.94 10.31
C GLY A 50 -3.35 0.86 11.65
N TYR A 51 -2.54 0.82 12.72
CA TYR A 51 -3.01 0.79 14.08
C TYR A 51 -3.17 2.22 14.56
N VAL A 52 -4.36 2.53 15.11
CA VAL A 52 -4.74 3.89 15.43
C VAL A 52 -5.33 3.94 16.85
N ASP A 53 -5.16 5.10 17.51
CA ASP A 53 -5.67 5.34 18.87
C ASP A 53 -7.17 5.65 18.80
N HIS A 54 -7.65 6.10 17.65
CA HIS A 54 -9.09 6.26 17.39
C HIS A 54 -9.32 6.25 15.87
N MET A 55 -10.52 5.85 15.45
CA MET A 55 -10.85 5.85 14.02
C MET A 55 -10.93 7.30 13.54
N PRO A 56 -10.43 7.62 12.33
CA PRO A 56 -10.49 9.00 11.85
C PRO A 56 -11.95 9.44 11.67
N GLN A 57 -12.23 10.70 12.00
CA GLN A 57 -13.50 11.27 11.67
C GLN A 57 -13.36 11.96 10.32
N VAL A 58 -14.50 12.25 9.68
CA VAL A 58 -14.53 12.89 8.39
C VAL A 58 -13.64 14.13 8.44
N GLY A 59 -12.68 14.21 7.50
CA GLY A 59 -11.85 15.37 7.30
C GLY A 59 -10.57 15.32 8.14
N GLU A 60 -10.42 14.29 8.97
CA GLU A 60 -9.28 14.21 9.89
C GLU A 60 -8.07 13.59 9.18
N THR A 61 -6.90 14.21 9.43
CA THR A 61 -5.59 13.62 9.21
C THR A 61 -4.94 13.26 10.55
N MET A 62 -4.48 12.02 10.68
CA MET A 62 -3.85 11.55 11.92
C MET A 62 -2.67 10.64 11.56
N HIS A 63 -1.87 10.33 12.58
CA HIS A 63 -0.82 9.31 12.50
C HIS A 63 -1.30 7.99 13.10
N SER A 64 -0.74 6.90 12.60
CA SER A 64 -0.84 5.60 13.20
C SER A 64 0.13 5.51 14.38
N VAL A 65 -0.15 4.57 15.29
CA VAL A 65 0.74 4.24 16.41
C VAL A 65 1.68 3.10 15.99
N SER A 66 1.25 2.27 15.03
CA SER A 66 2.13 1.33 14.37
C SER A 66 1.48 0.87 13.05
N PHE A 67 2.24 0.08 12.28
CA PHE A 67 1.86 -0.36 10.95
C PHE A 67 2.35 -1.79 10.75
N HIS A 68 1.59 -2.57 9.98
CA HIS A 68 1.97 -3.92 9.60
C HIS A 68 1.52 -4.18 8.17
N LYS A 69 2.40 -4.79 7.39
CA LYS A 69 2.09 -5.21 6.04
C LYS A 69 1.97 -6.72 6.01
N GLY A 70 0.79 -7.20 5.64
CA GLY A 70 0.54 -8.62 5.56
C GLY A 70 0.19 -9.02 4.13
N PHE A 71 0.20 -10.33 3.90
CA PHE A 71 -0.07 -10.90 2.60
C PHE A 71 -1.38 -11.66 2.70
N GLY A 72 -2.38 -11.21 1.95
CA GLY A 72 -3.72 -11.71 2.05
C GLY A 72 -4.31 -12.01 0.69
N GLY A 73 -5.64 -11.96 0.62
CA GLY A 73 -6.37 -12.51 -0.50
C GLY A 73 -6.60 -13.99 -0.28
N LYS A 74 -7.86 -14.43 -0.41
CA LYS A 74 -8.23 -15.79 -0.04
C LYS A 74 -7.49 -16.78 -0.96
N GLY A 75 -7.33 -16.42 -2.24
CA GLY A 75 -6.62 -17.26 -3.20
C GLY A 75 -5.18 -17.55 -2.75
N ALA A 76 -4.44 -16.47 -2.49
CA ALA A 76 -3.05 -16.58 -2.06
C ALA A 76 -2.99 -17.29 -0.70
N ASN A 77 -3.91 -16.96 0.20
CA ASN A 77 -3.95 -17.57 1.54
C ASN A 77 -4.05 -19.09 1.38
N GLN A 78 -4.94 -19.54 0.49
CA GLN A 78 -5.17 -20.98 0.35
C GLN A 78 -3.94 -21.63 -0.29
N ALA A 79 -3.31 -20.95 -1.25
CA ALA A 79 -2.12 -21.45 -1.91
C ALA A 79 -0.97 -21.57 -0.90
N VAL A 80 -0.82 -20.56 -0.05
CA VAL A 80 0.28 -20.51 0.91
C VAL A 80 0.08 -21.56 2.02
N ALA A 81 -1.15 -21.73 2.47
CA ALA A 81 -1.43 -22.81 3.46
C ALA A 81 -0.94 -24.17 2.90
N ALA A 82 -1.24 -24.45 1.62
CA ALA A 82 -0.83 -25.69 0.97
C ALA A 82 0.71 -25.71 0.77
N GLY A 83 1.26 -24.58 0.32
CA GLY A 83 2.66 -24.47 0.00
C GLY A 83 3.54 -24.62 1.23
N ARG A 84 3.06 -24.13 2.35
CA ARG A 84 3.76 -24.26 3.62
C ARG A 84 3.92 -25.74 4.00
N LEU A 85 2.97 -26.59 3.59
CA LEU A 85 2.99 -27.99 3.99
C LEU A 85 3.81 -28.80 2.98
N GLY A 86 4.22 -28.16 1.87
CA GLY A 86 5.07 -28.77 0.88
C GLY A 86 4.36 -29.00 -0.45
N ALA A 87 3.14 -28.47 -0.60
CA ALA A 87 2.30 -28.74 -1.81
C ALA A 87 3.03 -28.29 -3.09
N LYS A 88 2.87 -29.07 -4.16
CA LYS A 88 3.22 -28.64 -5.51
C LYS A 88 2.09 -27.77 -6.07
N VAL A 89 2.02 -26.54 -5.59
CA VAL A 89 0.91 -25.65 -5.84
C VAL A 89 1.40 -24.47 -6.69
N ALA A 90 0.52 -23.96 -7.56
CA ALA A 90 0.80 -22.80 -8.39
C ALA A 90 -0.38 -21.83 -8.30
N MET A 91 -0.05 -20.54 -8.19
CA MET A 91 -1.00 -19.47 -8.06
C MET A 91 -1.24 -18.87 -9.44
N VAL A 92 -2.52 -18.76 -9.81
CA VAL A 92 -2.91 -18.03 -11.01
C VAL A 92 -3.75 -16.83 -10.56
N SER A 93 -3.30 -15.63 -10.89
CA SER A 93 -3.88 -14.44 -10.39
C SER A 93 -3.40 -13.26 -11.23
N MET A 94 -3.86 -12.05 -10.89
CA MET A 94 -3.26 -10.87 -11.47
C MET A 94 -2.87 -9.89 -10.38
N VAL A 95 -1.65 -9.34 -10.56
CA VAL A 95 -1.10 -8.28 -9.74
C VAL A 95 -0.56 -7.18 -10.68
N GLY A 96 -0.07 -6.10 -10.07
CA GLY A 96 0.53 -4.97 -10.79
C GLY A 96 1.92 -5.28 -11.28
N THR A 97 2.42 -4.43 -12.18
CA THR A 97 3.84 -4.33 -12.47
C THR A 97 4.55 -3.52 -11.37
N ASP A 98 3.77 -3.03 -10.40
CA ASP A 98 4.31 -2.24 -9.30
C ASP A 98 5.16 -3.14 -8.37
N GLY A 99 5.98 -2.51 -7.53
CA GLY A 99 6.81 -3.21 -6.56
C GLY A 99 5.99 -4.07 -5.60
N ASP A 100 4.78 -3.62 -5.26
CA ASP A 100 3.87 -4.41 -4.42
C ASP A 100 3.67 -5.79 -5.05
N GLY A 101 3.47 -5.83 -6.38
CA GLY A 101 3.26 -7.05 -7.11
C GLY A 101 4.49 -7.94 -7.08
N SER A 102 5.66 -7.31 -7.19
CA SER A 102 6.93 -8.05 -7.10
C SER A 102 7.10 -8.62 -5.69
N ASP A 103 6.72 -7.84 -4.68
CA ASP A 103 6.81 -8.30 -3.26
C ASP A 103 5.97 -9.59 -3.07
N TYR A 104 4.75 -9.60 -3.63
CA TYR A 104 3.87 -10.76 -3.43
C TYR A 104 4.47 -11.97 -4.16
N ILE A 105 4.97 -11.74 -5.36
CA ILE A 105 5.48 -12.85 -6.19
C ILE A 105 6.65 -13.55 -5.48
N LYS A 106 7.51 -12.76 -4.84
CA LYS A 106 8.62 -13.31 -4.07
C LYS A 106 8.11 -14.04 -2.81
N GLU A 107 7.13 -13.45 -2.10
CA GLU A 107 6.57 -14.04 -0.88
C GLU A 107 5.95 -15.40 -1.19
N LEU A 108 5.27 -15.51 -2.32
CA LEU A 108 4.64 -16.75 -2.74
C LEU A 108 5.70 -17.84 -2.92
N GLU A 109 6.79 -17.49 -3.59
CA GLU A 109 7.88 -18.43 -3.87
C GLU A 109 8.49 -18.92 -2.54
N ARG A 110 8.69 -18.00 -1.60
CA ARG A 110 9.29 -18.31 -0.31
C ARG A 110 8.37 -19.22 0.52
N ASN A 111 7.10 -19.33 0.12
CA ASN A 111 6.15 -20.13 0.83
C ASN A 111 5.71 -21.32 -0.01
N GLY A 112 6.49 -21.62 -1.05
CA GLY A 112 6.40 -22.90 -1.74
C GLY A 112 5.35 -22.88 -2.83
N VAL A 113 5.01 -21.67 -3.31
CA VAL A 113 4.01 -21.49 -4.35
C VAL A 113 4.68 -21.03 -5.63
N ASP A 114 4.39 -21.74 -6.72
CA ASP A 114 4.92 -21.44 -8.05
C ASP A 114 4.14 -20.26 -8.63
N THR A 115 4.86 -19.33 -9.30
CA THR A 115 4.29 -18.02 -9.70
C THR A 115 4.38 -17.83 -11.21
N ALA A 116 4.60 -18.90 -11.95
CA ALA A 116 4.81 -18.79 -13.39
C ALA A 116 3.57 -18.23 -14.09
N TYR A 117 2.38 -18.40 -13.50
CA TYR A 117 1.12 -17.93 -14.14
C TYR A 117 0.48 -16.83 -13.31
N MET A 118 1.27 -16.16 -12.48
CA MET A 118 0.94 -14.86 -12.05
C MET A 118 1.00 -13.94 -13.28
N PHE A 119 -0.11 -13.23 -13.54
CA PHE A 119 -0.15 -12.23 -14.57
C PHE A 119 0.08 -10.86 -13.94
N ARG A 120 0.72 -9.97 -14.70
CA ARG A 120 1.05 -8.62 -14.25
C ARG A 120 0.49 -7.61 -15.26
N THR A 121 -0.21 -6.59 -14.74
CA THR A 121 -0.73 -5.53 -15.56
C THR A 121 -0.05 -4.22 -15.14
N GLY A 122 0.29 -3.39 -16.14
CA GLY A 122 0.79 -2.03 -15.90
C GLY A 122 -0.34 -1.01 -15.76
N LYS A 123 -1.58 -1.47 -15.88
CA LYS A 123 -2.75 -0.57 -15.99
C LYS A 123 -3.47 -0.46 -14.63
N SER A 124 -3.09 -1.31 -13.68
CA SER A 124 -3.71 -1.38 -12.37
C SER A 124 -2.62 -1.60 -11.31
N SER A 125 -2.87 -1.09 -10.10
CA SER A 125 -2.09 -1.46 -8.93
C SER A 125 -2.36 -2.91 -8.54
N THR A 126 -1.47 -3.45 -7.71
CA THR A 126 -1.74 -4.70 -7.05
C THR A 126 -2.93 -4.51 -6.09
N GLY A 127 -3.80 -5.52 -6.03
CA GLY A 127 -4.90 -5.54 -5.11
C GLY A 127 -4.44 -5.42 -3.67
N LEU A 128 -5.25 -4.76 -2.85
CA LEU A 128 -4.90 -4.54 -1.45
C LEU A 128 -6.17 -4.25 -0.65
N ALA A 129 -6.04 -4.39 0.67
CA ALA A 129 -7.00 -3.93 1.60
C ALA A 129 -6.35 -2.88 2.50
N MET A 130 -7.06 -1.77 2.71
CA MET A 130 -6.65 -0.76 3.66
CA MET A 130 -6.67 -0.73 3.65
C MET A 130 -7.45 -0.93 4.95
N ILE A 131 -6.71 -1.25 6.03
CA ILE A 131 -7.24 -1.77 7.27
C ILE A 131 -6.78 -0.87 8.43
N LEU A 132 -7.75 -0.30 9.14
CA LEU A 132 -7.49 0.45 10.34
C LEU A 132 -7.97 -0.36 11.55
N VAL A 133 -7.07 -0.50 12.54
CA VAL A 133 -7.29 -1.29 13.73
C VAL A 133 -7.12 -0.40 14.94
N ASP A 134 -8.17 -0.31 15.76
CA ASP A 134 -8.11 0.27 17.07
C ASP A 134 -8.02 -0.87 18.11
N THR A 135 -6.82 -1.12 18.63
CA THR A 135 -6.59 -2.26 19.53
C THR A 135 -7.41 -2.09 20.81
N LYS A 136 -7.43 -0.85 21.35
CA LYS A 136 -8.11 -0.59 22.61
C LYS A 136 -9.60 -1.01 22.50
N SER A 137 -10.26 -0.62 21.41
CA SER A 137 -11.70 -0.78 21.26
C SER A 137 -12.02 -2.11 20.54
N SER A 138 -10.99 -2.77 19.99
CA SER A 138 -11.15 -4.05 19.31
C SER A 138 -12.05 -3.89 18.07
N ASN A 139 -11.98 -2.72 17.41
CA ASN A 139 -12.78 -2.45 16.19
C ASN A 139 -11.84 -2.24 14.99
N ASN A 140 -12.37 -2.50 13.78
CA ASN A 140 -11.64 -2.36 12.52
C ASN A 140 -12.49 -1.55 11.56
N GLU A 141 -11.83 -0.91 10.59
CA GLU A 141 -12.45 -0.41 9.38
C GLU A 141 -11.60 -0.88 8.20
N ILE A 142 -12.26 -1.45 7.20
CA ILE A 142 -11.59 -2.10 6.12
C ILE A 142 -12.17 -1.58 4.80
N VAL A 143 -11.27 -1.16 3.91
CA VAL A 143 -11.64 -0.77 2.55
C VAL A 143 -10.87 -1.67 1.58
N ILE A 144 -11.63 -2.51 0.86
CA ILE A 144 -11.06 -3.48 -0.04
C ILE A 144 -10.91 -2.84 -1.43
N CYS A 145 -9.69 -2.93 -1.97
CA CYS A 145 -9.33 -2.34 -3.27
C CYS A 145 -8.81 -3.44 -4.19
N PRO A 146 -9.68 -4.10 -4.98
CA PRO A 146 -9.27 -5.29 -5.71
C PRO A 146 -8.32 -4.97 -6.86
N ASN A 147 -8.44 -3.74 -7.39
CA ASN A 147 -7.45 -3.18 -8.29
C ASN A 147 -7.28 -4.11 -9.50
N ALA A 148 -6.05 -4.56 -9.74
CA ALA A 148 -5.72 -5.46 -10.87
C ALA A 148 -6.74 -6.61 -10.94
N THR A 149 -7.17 -7.11 -9.78
CA THR A 149 -8.01 -8.29 -9.68
C THR A 149 -9.27 -8.13 -10.54
N ASN A 150 -9.81 -6.91 -10.59
CA ASN A 150 -11.08 -6.60 -11.31
C ASN A 150 -10.93 -6.80 -12.82
N HIS A 151 -9.69 -6.89 -13.31
CA HIS A 151 -9.40 -7.04 -14.73
C HIS A 151 -8.89 -8.45 -15.03
N PHE A 152 -9.04 -9.35 -14.05
CA PHE A 152 -8.70 -10.79 -14.19
C PHE A 152 -9.93 -11.52 -14.73
N THR A 153 -10.18 -11.31 -16.02
CA THR A 153 -11.41 -11.73 -16.67
C THR A 153 -11.19 -13.07 -17.36
N PRO A 154 -12.28 -13.79 -17.71
CA PRO A 154 -12.14 -15.03 -18.48
C PRO A 154 -11.39 -14.77 -19.79
N GLU A 155 -11.73 -13.66 -20.46
CA GLU A 155 -11.22 -13.37 -21.79
C GLU A 155 -9.72 -13.13 -21.73
N LEU A 156 -9.28 -12.40 -20.68
CA LEU A 156 -7.85 -12.15 -20.49
C LEU A 156 -7.13 -13.45 -20.17
N LEU A 157 -7.67 -14.20 -19.21
CA LEU A 157 -7.12 -15.50 -18.81
C LEU A 157 -6.97 -16.41 -20.03
N ARG A 158 -8.02 -16.51 -20.85
CA ARG A 158 -7.96 -17.35 -22.05
C ARG A 158 -6.87 -16.85 -23.01
N ALA A 159 -6.83 -15.53 -23.23
CA ALA A 159 -5.86 -14.93 -24.16
C ALA A 159 -4.44 -15.30 -23.74
N GLN A 160 -4.18 -15.36 -22.43
CA GLN A 160 -2.84 -15.48 -21.88
C GLN A 160 -2.43 -16.96 -21.75
N THR A 161 -3.40 -17.88 -21.82
CA THR A 161 -3.16 -19.30 -21.47
C THR A 161 -3.56 -20.23 -22.64
N ASN A 162 -3.76 -19.65 -23.82
CA ASN A 162 -4.23 -20.42 -25.00
C ASN A 162 -5.51 -21.21 -24.64
N ASN A 163 -6.54 -20.50 -24.19
CA ASN A 163 -7.83 -21.10 -23.87
C ASN A 163 -7.63 -22.16 -22.78
N TYR A 164 -6.85 -21.82 -21.74
CA TYR A 164 -6.68 -22.63 -20.51
C TYR A 164 -5.65 -23.74 -20.70
N GLU A 165 -5.26 -24.03 -21.94
CA GLU A 165 -4.40 -25.20 -22.21
C GLU A 165 -3.09 -25.09 -21.41
N ARG A 166 -2.60 -23.86 -21.19
CA ARG A 166 -1.27 -23.65 -20.59
C ARG A 166 -1.31 -23.92 -19.09
N ILE A 167 -2.49 -23.83 -18.48
CA ILE A 167 -2.54 -23.93 -17.03
C ILE A 167 -3.25 -25.23 -16.61
N LEU A 168 -4.05 -25.81 -17.53
CA LEU A 168 -4.76 -27.05 -17.26
C LEU A 168 -4.10 -28.22 -18.00
N HIS A 169 -2.82 -28.47 -17.69
CA HIS A 169 -2.02 -29.59 -18.23
CA HIS A 169 -2.08 -29.58 -18.29
C HIS A 169 -2.67 -30.92 -17.82
N THR A 170 -2.48 -31.97 -18.64
CA THR A 170 -2.95 -33.34 -18.36
C THR A 170 -2.76 -33.73 -16.89
N GLY A 171 -1.55 -33.50 -16.36
CA GLY A 171 -1.14 -34.03 -15.05
C GLY A 171 -1.83 -33.34 -13.86
N LEU A 172 -2.72 -32.37 -14.14
CA LEU A 172 -3.23 -31.49 -13.05
C LEU A 172 -4.32 -32.24 -12.28
N LYS A 173 -4.18 -32.28 -10.96
CA LYS A 173 -5.06 -33.08 -10.13
C LYS A 173 -6.17 -32.21 -9.49
N TYR A 174 -5.84 -30.97 -9.12
CA TYR A 174 -6.76 -30.14 -8.30
C TYR A 174 -6.79 -28.69 -8.81
N LEU A 175 -7.98 -28.11 -8.82
CA LEU A 175 -8.17 -26.69 -8.93
C LEU A 175 -8.81 -26.19 -7.64
N ILE A 176 -8.33 -25.06 -7.11
CA ILE A 176 -9.04 -24.36 -6.04
C ILE A 176 -9.44 -22.97 -6.53
N CYS A 177 -10.73 -22.63 -6.36
CA CYS A 177 -11.24 -21.31 -6.60
C CYS A 177 -11.97 -20.79 -5.36
N GLN A 178 -12.08 -19.45 -5.26
CA GLN A 178 -12.91 -18.81 -4.26
C GLN A 178 -13.88 -17.87 -4.99
N ASN A 179 -14.41 -16.88 -4.26
CA ASN A 179 -15.34 -15.91 -4.82
C ASN A 179 -14.78 -14.49 -4.63
N GLU A 180 -13.48 -14.31 -4.92
CA GLU A 180 -12.80 -13.05 -4.65
C GLU A 180 -12.11 -12.53 -5.91
N ILE A 181 -12.53 -13.04 -7.07
CA ILE A 181 -12.18 -12.52 -8.37
C ILE A 181 -13.47 -12.41 -9.15
N PRO A 182 -13.47 -11.82 -10.36
CA PRO A 182 -14.71 -11.74 -11.15
C PRO A 182 -15.34 -13.13 -11.28
N LEU A 183 -16.64 -13.24 -10.95
CA LEU A 183 -17.30 -14.53 -10.81
C LEU A 183 -17.24 -15.32 -12.13
N PRO A 184 -17.29 -14.67 -13.30
CA PRO A 184 -17.25 -15.41 -14.55
C PRO A 184 -15.91 -16.14 -14.72
N THR A 185 -14.84 -15.56 -14.17
CA THR A 185 -13.54 -16.15 -14.26
C THR A 185 -13.53 -17.44 -13.43
N THR A 186 -14.06 -17.36 -12.22
CA THR A 186 -14.15 -18.51 -11.31
C THR A 186 -14.98 -19.61 -11.98
N LEU A 187 -16.16 -19.25 -12.44
CA LEU A 187 -17.13 -20.26 -12.92
C LEU A 187 -16.58 -20.94 -14.18
N ASP A 188 -16.04 -20.15 -15.11
CA ASP A 188 -15.55 -20.67 -16.38
C ASP A 188 -14.34 -21.58 -16.14
N THR A 189 -13.47 -21.17 -15.21
CA THR A 189 -12.31 -21.96 -14.89
C THR A 189 -12.75 -23.32 -14.32
N ILE A 190 -13.65 -23.30 -13.34
CA ILE A 190 -14.19 -24.54 -12.76
C ILE A 190 -14.72 -25.43 -13.90
N LYS A 191 -15.57 -24.87 -14.76
CA LYS A 191 -16.23 -25.70 -15.80
C LYS A 191 -15.17 -26.36 -16.66
N GLU A 192 -14.21 -25.56 -17.12
CA GLU A 192 -13.16 -26.03 -18.04
C GLU A 192 -12.33 -27.15 -17.36
N ALA A 193 -11.91 -26.90 -16.10
CA ALA A 193 -11.07 -27.83 -15.38
C ALA A 193 -11.83 -29.15 -15.19
N HIS A 194 -13.11 -29.04 -14.82
CA HIS A 194 -13.90 -30.20 -14.56
C HIS A 194 -14.08 -31.02 -15.85
N SER A 195 -14.22 -30.33 -16.99
CA SER A 195 -14.41 -31.03 -18.28
C SER A 195 -13.16 -31.83 -18.65
N ARG A 196 -12.03 -31.52 -17.98
CA ARG A 196 -10.74 -32.16 -18.30
C ARG A 196 -10.42 -33.24 -17.26
N GLY A 197 -11.32 -33.47 -16.32
CA GLY A 197 -11.14 -34.48 -15.30
C GLY A 197 -10.34 -33.97 -14.12
N VAL A 198 -10.19 -32.65 -13.99
CA VAL A 198 -9.57 -32.07 -12.78
C VAL A 198 -10.61 -32.11 -11.67
N TYR A 199 -10.14 -32.37 -10.44
CA TYR A 199 -10.98 -32.29 -9.26
C TYR A 199 -11.06 -30.83 -8.79
N THR A 200 -12.24 -30.24 -8.94
CA THR A 200 -12.45 -28.83 -8.71
C THR A 200 -13.00 -28.59 -7.31
N VAL A 201 -12.39 -27.61 -6.62
CA VAL A 201 -12.73 -27.21 -5.26
C VAL A 201 -13.13 -25.74 -5.30
N PHE A 202 -14.33 -25.45 -4.79
CA PHE A 202 -14.91 -24.14 -4.81
C PHE A 202 -15.35 -23.78 -3.41
N ASN A 203 -14.64 -22.80 -2.83
CA ASN A 203 -14.91 -22.23 -1.55
C ASN A 203 -15.54 -20.86 -1.79
N SER A 204 -16.88 -20.79 -1.73
CA SER A 204 -17.65 -19.61 -2.16
C SER A 204 -17.54 -18.52 -1.09
N ALA A 205 -16.33 -17.97 -0.95
CA ALA A 205 -16.02 -16.86 -0.03
C ALA A 205 -15.27 -15.76 -0.80
N PRO A 206 -15.58 -14.50 -0.50
CA PRO A 206 -16.60 -14.09 0.44
C PRO A 206 -18.02 -14.46 -0.03
N ALA A 207 -18.96 -14.34 0.90
CA ALA A 207 -20.31 -14.82 0.76
C ALA A 207 -20.90 -14.32 -0.55
N PRO A 208 -21.51 -15.21 -1.36
CA PRO A 208 -22.14 -14.77 -2.61
C PRO A 208 -23.36 -13.88 -2.36
N LYS A 209 -23.49 -12.82 -3.16
CA LYS A 209 -24.67 -11.96 -3.21
C LYS A 209 -25.77 -12.63 -4.05
N PRO A 210 -27.03 -12.14 -3.98
CA PRO A 210 -28.16 -12.94 -4.48
C PRO A 210 -28.03 -13.27 -5.97
N ALA A 211 -27.52 -12.34 -6.76
CA ALA A 211 -27.32 -12.58 -8.20
C ALA A 211 -26.16 -13.55 -8.45
N GLU A 212 -25.16 -13.55 -7.54
CA GLU A 212 -24.06 -14.52 -7.64
C GLU A 212 -24.57 -15.93 -7.34
N VAL A 213 -25.45 -16.05 -6.35
CA VAL A 213 -26.04 -17.34 -6.04
C VAL A 213 -26.74 -17.89 -7.28
N GLU A 214 -27.57 -17.06 -7.93
CA GLU A 214 -28.30 -17.50 -9.15
C GLU A 214 -27.31 -18.03 -10.19
N GLN A 215 -26.19 -17.32 -10.37
CA GLN A 215 -25.22 -17.68 -11.41
C GLN A 215 -24.44 -18.95 -11.03
N ILE A 216 -24.15 -19.12 -9.74
CA ILE A 216 -23.37 -20.27 -9.26
C ILE A 216 -24.15 -21.59 -9.49
N LYS A 217 -25.43 -21.60 -9.12
CA LYS A 217 -26.18 -22.87 -8.99
C LYS A 217 -26.03 -23.72 -10.24
N PRO A 218 -26.19 -23.19 -11.48
CA PRO A 218 -26.06 -24.02 -12.67
C PRO A 218 -24.66 -24.59 -12.90
N PHE A 219 -23.65 -24.07 -12.18
CA PHE A 219 -22.27 -24.53 -12.31
C PHE A 219 -21.91 -25.61 -11.26
N LEU A 220 -22.80 -25.85 -10.29
CA LEU A 220 -22.46 -26.70 -9.15
C LEU A 220 -22.20 -28.14 -9.61
N PRO A 221 -22.81 -28.61 -10.72
CA PRO A 221 -22.45 -29.93 -11.27
C PRO A 221 -20.99 -30.05 -11.77
N TYR A 222 -20.30 -28.91 -11.93
CA TYR A 222 -18.88 -28.93 -12.37
C TYR A 222 -17.95 -28.77 -11.16
N VAL A 223 -18.54 -28.74 -9.95
CA VAL A 223 -17.80 -28.60 -8.72
C VAL A 223 -17.66 -29.98 -8.04
N SER A 224 -16.44 -30.49 -8.00
CA SER A 224 -16.16 -31.76 -7.35
C SER A 224 -16.42 -31.63 -5.86
N LEU A 225 -15.96 -30.52 -5.27
CA LEU A 225 -15.97 -30.32 -3.83
C LEU A 225 -16.40 -28.88 -3.53
N PHE A 226 -17.61 -28.73 -2.98
CA PHE A 226 -18.12 -27.46 -2.54
C PHE A 226 -17.89 -27.34 -1.05
N CYS A 227 -17.11 -26.33 -0.62
CA CYS A 227 -16.66 -26.24 0.79
CA CYS A 227 -16.63 -26.22 0.77
C CYS A 227 -17.02 -24.88 1.38
N PRO A 228 -18.33 -24.60 1.59
CA PRO A 228 -18.76 -23.34 2.19
C PRO A 228 -18.71 -23.35 3.72
N ASN A 229 -18.79 -22.17 4.33
CA ASN A 229 -19.09 -22.02 5.76
C ASN A 229 -20.61 -22.00 5.93
N GLU A 230 -21.07 -21.78 7.16
CA GLU A 230 -22.51 -21.90 7.47
C GLU A 230 -23.32 -20.86 6.68
N VAL A 231 -22.88 -19.60 6.69
CA VAL A 231 -23.62 -18.50 6.01
C VAL A 231 -23.69 -18.79 4.49
N GLU A 232 -22.57 -19.19 3.90
CA GLU A 232 -22.49 -19.42 2.45
C GLU A 232 -23.40 -20.58 2.08
N ALA A 233 -23.42 -21.62 2.93
CA ALA A 233 -24.23 -22.78 2.67
C ALA A 233 -25.71 -22.37 2.71
N THR A 234 -26.03 -21.47 3.64
CA THR A 234 -27.38 -20.97 3.82
C THR A 234 -27.81 -20.25 2.54
N LEU A 235 -26.93 -19.36 2.06
CA LEU A 235 -27.22 -18.50 0.92
C LEU A 235 -27.43 -19.36 -0.32
N ILE A 236 -26.63 -20.42 -0.47
CA ILE A 236 -26.66 -21.19 -1.70
C ILE A 236 -27.93 -22.05 -1.73
N THR A 237 -28.26 -22.68 -0.58
CA THR A 237 -29.21 -23.82 -0.53
C THR A 237 -30.62 -23.38 -0.14
N GLY A 238 -30.71 -22.29 0.63
CA GLY A 238 -31.95 -21.84 1.21
C GLY A 238 -32.28 -22.60 2.49
N VAL A 239 -31.42 -23.56 2.86
CA VAL A 239 -31.43 -24.19 4.17
C VAL A 239 -30.75 -23.26 5.16
N LYS A 240 -31.43 -22.99 6.28
CA LYS A 240 -30.85 -22.18 7.35
C LYS A 240 -29.84 -23.03 8.13
N VAL A 241 -28.55 -22.73 7.99
CA VAL A 241 -27.50 -23.57 8.57
C VAL A 241 -26.91 -22.84 9.78
N THR A 242 -27.07 -23.44 10.97
CA THR A 242 -26.60 -22.86 12.23
C THR A 242 -25.78 -23.87 13.02
N ASP A 243 -25.80 -25.14 12.60
CA ASP A 243 -25.36 -26.24 13.46
C ASP A 243 -25.24 -27.51 12.63
N THR A 244 -24.84 -28.61 13.30
CA THR A 244 -24.53 -29.86 12.64
C THR A 244 -25.75 -30.37 11.86
N GLU A 245 -26.92 -30.39 12.51
CA GLU A 245 -28.05 -31.11 11.93
C GLU A 245 -28.55 -30.31 10.72
N SER A 246 -28.53 -28.99 10.81
CA SER A 246 -28.95 -28.13 9.69
C SER A 246 -27.88 -28.14 8.58
N ALA A 247 -26.60 -28.27 8.98
CA ALA A 247 -25.49 -28.47 8.02
C ALA A 247 -25.68 -29.77 7.23
N PHE A 248 -26.09 -30.83 7.94
CA PHE A 248 -26.33 -32.08 7.27
C PHE A 248 -27.43 -31.89 6.19
N SER A 249 -28.46 -31.11 6.52
CA SER A 249 -29.60 -30.87 5.56
C SER A 249 -29.06 -30.12 4.34
N ALA A 250 -28.17 -29.16 4.59
CA ALA A 250 -27.56 -28.38 3.52
C ALA A 250 -26.77 -29.28 2.57
N ILE A 251 -26.07 -30.28 3.12
CA ILE A 251 -25.32 -31.22 2.30
C ILE A 251 -26.26 -31.87 1.28
N LYS A 252 -27.46 -32.25 1.73
CA LYS A 252 -28.40 -32.94 0.85
C LYS A 252 -28.81 -32.00 -0.28
N ALA A 253 -29.13 -30.75 0.07
CA ALA A 253 -29.56 -29.76 -0.91
C ALA A 253 -28.45 -29.53 -1.95
N LEU A 254 -27.19 -29.55 -1.49
CA LEU A 254 -26.05 -29.34 -2.38
C LEU A 254 -25.84 -30.55 -3.27
N GLN A 255 -26.03 -31.75 -2.72
CA GLN A 255 -25.98 -32.98 -3.48
C GLN A 255 -27.06 -32.96 -4.58
N GLN A 256 -28.24 -32.44 -4.24
CA GLN A 256 -29.37 -32.34 -5.20
C GLN A 256 -29.02 -31.39 -6.35
N LEU A 257 -28.13 -30.42 -6.08
CA LEU A 257 -27.76 -29.41 -7.08
C LEU A 257 -26.60 -29.91 -7.94
N GLY A 258 -26.11 -31.11 -7.62
CA GLY A 258 -25.21 -31.86 -8.44
C GLY A 258 -23.75 -31.82 -7.96
N VAL A 259 -23.52 -31.42 -6.71
CA VAL A 259 -22.18 -31.41 -6.11
C VAL A 259 -21.88 -32.84 -5.65
N ARG A 260 -20.69 -33.34 -6.02
CA ARG A 260 -20.27 -34.70 -5.71
C ARG A 260 -19.94 -34.82 -4.23
N ASP A 261 -18.93 -34.04 -3.79
CA ASP A 261 -18.42 -34.05 -2.41
C ASP A 261 -18.76 -32.71 -1.76
N VAL A 262 -19.18 -32.75 -0.50
CA VAL A 262 -19.53 -31.57 0.23
C VAL A 262 -18.79 -31.55 1.55
N VAL A 263 -18.22 -30.39 1.86
CA VAL A 263 -17.73 -30.07 3.19
C VAL A 263 -18.32 -28.72 3.59
N ILE A 264 -18.94 -28.66 4.77
CA ILE A 264 -19.34 -27.41 5.36
C ILE A 264 -18.58 -27.19 6.66
N THR A 265 -17.79 -26.11 6.71
CA THR A 265 -17.01 -25.81 7.88
C THR A 265 -17.91 -25.08 8.88
N LEU A 266 -17.68 -25.36 10.17
CA LEU A 266 -18.61 -24.89 11.23
C LEU A 266 -17.82 -24.11 12.31
N GLY A 267 -16.74 -23.44 11.92
CA GLY A 267 -15.90 -22.74 12.89
C GLY A 267 -15.47 -23.65 14.03
N ALA A 268 -15.78 -23.26 15.27
CA ALA A 268 -15.28 -23.97 16.46
C ALA A 268 -15.94 -25.35 16.56
N ALA A 269 -17.07 -25.53 15.87
CA ALA A 269 -17.78 -26.83 15.86
C ALA A 269 -17.24 -27.76 14.76
N GLY A 270 -16.12 -27.40 14.11
CA GLY A 270 -15.40 -28.33 13.24
C GLY A 270 -15.92 -28.30 11.80
N PHE A 271 -16.44 -29.44 11.33
CA PHE A 271 -16.94 -29.53 9.96
C PHE A 271 -17.86 -30.73 9.81
N VAL A 272 -18.71 -30.71 8.78
CA VAL A 272 -19.45 -31.88 8.32
C VAL A 272 -19.06 -32.16 6.88
N LEU A 273 -19.19 -33.41 6.45
CA LEU A 273 -18.95 -33.73 5.09
C LEU A 273 -19.73 -34.98 4.67
N SER A 274 -19.82 -35.14 3.36
CA SER A 274 -20.19 -36.37 2.73
C SER A 274 -19.35 -36.54 1.47
N GLU A 275 -18.68 -37.70 1.37
CA GLU A 275 -17.98 -38.12 0.17
CA GLU A 275 -17.97 -38.15 0.19
C GLU A 275 -18.96 -38.86 -0.74
N ASN A 276 -19.30 -38.21 -1.87
CA ASN A 276 -19.95 -38.86 -3.02
C ASN A 276 -21.26 -39.53 -2.56
N GLY A 277 -22.04 -38.82 -1.73
CA GLY A 277 -23.38 -39.26 -1.32
C GLY A 277 -23.37 -40.30 -0.19
N ALA A 278 -22.19 -40.59 0.37
CA ALA A 278 -22.07 -41.45 1.57
C ALA A 278 -22.77 -40.77 2.75
N GLU A 279 -22.99 -41.54 3.82
CA GLU A 279 -23.56 -41.06 5.05
C GLU A 279 -22.72 -39.87 5.52
N PRO A 280 -23.34 -38.73 5.89
CA PRO A 280 -22.62 -37.57 6.39
C PRO A 280 -21.91 -37.80 7.72
N VAL A 281 -20.79 -37.11 7.91
CA VAL A 281 -19.97 -37.21 9.10
C VAL A 281 -19.79 -35.81 9.70
N HIS A 282 -19.82 -35.73 11.03
CA HIS A 282 -19.43 -34.55 11.76
C HIS A 282 -18.14 -34.83 12.53
N VAL A 283 -17.17 -33.95 12.38
CA VAL A 283 -15.98 -33.94 13.23
C VAL A 283 -15.92 -32.59 13.93
N THR A 284 -15.82 -32.61 15.27
CA THR A 284 -15.89 -31.38 16.02
C THR A 284 -14.54 -30.65 15.97
N GLY A 285 -14.55 -29.38 16.36
CA GLY A 285 -13.37 -28.57 16.38
C GLY A 285 -12.42 -28.99 17.48
N LYS A 286 -11.13 -28.72 17.29
CA LYS A 286 -10.14 -28.92 18.31
C LYS A 286 -10.40 -27.92 19.43
N HIS A 287 -10.09 -28.35 20.65
CA HIS A 287 -10.24 -27.51 21.84
C HIS A 287 -8.98 -26.67 22.03
N VAL A 288 -9.00 -25.47 21.46
CA VAL A 288 -7.85 -24.58 21.53
C VAL A 288 -8.33 -23.20 21.98
N LYS A 289 -7.39 -22.40 22.49
CA LYS A 289 -7.65 -21.01 22.83
C LYS A 289 -7.50 -20.18 21.55
N ALA A 290 -8.64 -19.76 21.01
CA ALA A 290 -8.68 -18.92 19.81
C ALA A 290 -8.19 -17.52 20.19
N VAL A 291 -7.10 -17.12 19.54
CA VAL A 291 -6.53 -15.80 19.71
C VAL A 291 -6.94 -14.93 18.50
N ASP A 292 -6.94 -15.52 17.30
CA ASP A 292 -7.18 -14.75 16.07
C ASP A 292 -7.49 -15.73 14.94
N THR A 293 -8.77 -15.79 14.51
CA THR A 293 -9.25 -16.79 13.58
C THR A 293 -9.15 -16.29 12.14
N THR A 294 -8.61 -15.08 11.94
CA THR A 294 -8.46 -14.52 10.57
C THR A 294 -7.68 -15.51 9.69
N GLY A 295 -8.33 -15.94 8.60
CA GLY A 295 -7.71 -16.73 7.59
C GLY A 295 -7.73 -18.22 7.89
N ALA A 296 -8.49 -18.62 8.93
CA ALA A 296 -8.51 -20.00 9.38
C ALA A 296 -9.21 -20.87 8.32
N GLY A 297 -10.29 -20.35 7.74
CA GLY A 297 -10.99 -21.01 6.66
C GLY A 297 -10.08 -21.30 5.48
N ASP A 298 -9.25 -20.32 5.12
CA ASP A 298 -8.34 -20.44 3.98
C ASP A 298 -7.28 -21.51 4.30
N CYS A 299 -6.84 -21.51 5.53
CA CYS A 299 -5.90 -22.52 6.01
C CYS A 299 -6.53 -23.93 5.89
N PHE A 300 -7.77 -24.06 6.36
CA PHE A 300 -8.52 -25.32 6.26
C PHE A 300 -8.52 -25.78 4.80
N VAL A 301 -8.97 -24.89 3.90
CA VAL A 301 -9.24 -25.30 2.48
C VAL A 301 -7.91 -25.69 1.81
N GLY A 302 -6.89 -24.84 1.96
CA GLY A 302 -5.60 -25.11 1.36
C GLY A 302 -4.98 -26.41 1.85
N SER A 303 -4.98 -26.60 3.18
CA SER A 303 -4.41 -27.79 3.82
CA SER A 303 -4.38 -27.79 3.78
C SER A 303 -5.17 -29.03 3.35
N MET A 304 -6.50 -28.93 3.36
CA MET A 304 -7.36 -30.01 2.95
C MET A 304 -6.90 -30.56 1.61
N VAL A 305 -6.68 -29.68 0.63
CA VAL A 305 -6.39 -30.09 -0.74
C VAL A 305 -4.96 -30.64 -0.79
N TYR A 306 -4.05 -30.07 0.00
CA TYR A 306 -2.68 -30.66 0.06
C TYR A 306 -2.78 -32.14 0.47
N PHE A 307 -3.54 -32.41 1.53
CA PHE A 307 -3.66 -33.77 2.07
C PHE A 307 -4.28 -34.71 1.02
N MET A 308 -5.22 -34.20 0.23
CA MET A 308 -5.84 -35.00 -0.82
CA MET A 308 -5.84 -35.00 -0.82
C MET A 308 -4.80 -35.29 -1.92
N SER A 309 -3.96 -34.30 -2.23
CA SER A 309 -2.89 -34.49 -3.23
C SER A 309 -1.86 -35.53 -2.73
N ARG A 310 -1.78 -35.73 -1.43
CA ARG A 310 -0.85 -36.73 -0.86
C ARG A 310 -1.52 -38.12 -0.81
N GLY A 311 -2.81 -38.19 -1.14
CA GLY A 311 -3.54 -39.43 -1.30
C GLY A 311 -4.49 -39.74 -0.14
N ARG A 312 -4.74 -38.76 0.74
CA ARG A 312 -5.75 -38.91 1.76
C ARG A 312 -7.12 -38.80 1.10
N ASN A 313 -8.10 -39.52 1.64
CA ASN A 313 -9.47 -39.40 1.19
C ASN A 313 -10.05 -38.14 1.85
N LEU A 314 -11.29 -37.81 1.50
CA LEU A 314 -11.87 -36.54 1.90
C LEU A 314 -11.86 -36.39 3.42
N LEU A 315 -12.37 -37.42 4.11
CA LEU A 315 -12.49 -37.39 5.54
C LEU A 315 -11.10 -37.22 6.18
N GLU A 316 -10.18 -38.09 5.81
CA GLU A 316 -8.79 -38.07 6.33
C GLU A 316 -8.21 -36.67 6.12
N ALA A 317 -8.43 -36.12 4.92
CA ALA A 317 -7.87 -34.81 4.52
C ALA A 317 -8.51 -33.71 5.36
N CYS A 318 -9.83 -33.81 5.60
CA CYS A 318 -10.54 -32.78 6.34
C CYS A 318 -10.19 -32.84 7.83
N LYS A 319 -9.96 -34.05 8.36
CA LYS A 319 -9.58 -34.19 9.76
C LYS A 319 -8.24 -33.46 9.99
N ARG A 320 -7.32 -33.60 9.04
CA ARG A 320 -5.97 -33.03 9.15
C ARG A 320 -6.03 -31.52 8.91
N ALA A 321 -6.90 -31.10 7.98
CA ALA A 321 -7.18 -29.66 7.71
C ALA A 321 -7.73 -28.99 8.98
N ASN A 322 -8.61 -29.72 9.68
CA ASN A 322 -9.28 -29.23 10.87
C ASN A 322 -8.21 -28.96 11.93
N GLU A 323 -7.19 -29.83 11.98
CA GLU A 323 -6.09 -29.72 12.97
C GLU A 323 -5.17 -28.53 12.59
N CYS A 324 -4.88 -28.39 11.28
CA CYS A 324 -4.07 -27.24 10.79
C CYS A 324 -4.77 -25.91 11.10
N ALA A 325 -6.06 -25.83 10.79
CA ALA A 325 -6.84 -24.61 10.99
C ALA A 325 -6.91 -24.28 12.49
N ALA A 326 -7.06 -25.31 13.32
CA ALA A 326 -7.02 -25.16 14.76
C ALA A 326 -5.70 -24.52 15.19
N ILE A 327 -4.57 -25.03 14.69
CA ILE A 327 -3.25 -24.45 15.06
C ILE A 327 -3.24 -22.95 14.69
N SER A 328 -3.83 -22.65 13.53
CA SER A 328 -3.76 -21.31 12.99
C SER A 328 -4.52 -20.31 13.89
N VAL A 329 -5.62 -20.74 14.53
CA VAL A 329 -6.45 -19.78 15.30
C VAL A 329 -5.74 -19.41 16.60
N THR A 330 -4.68 -20.16 16.95
CA THR A 330 -3.94 -19.93 18.22
C THR A 330 -2.89 -18.82 18.08
N ARG A 331 -2.75 -18.25 16.88
CA ARG A 331 -1.77 -17.17 16.63
C ARG A 331 -2.39 -16.11 15.72
N LYS A 332 -1.96 -14.84 15.89
CA LYS A 332 -2.28 -13.70 15.00
C LYS A 332 -1.54 -13.86 13.67
N GLY A 333 -1.99 -13.11 12.65
CA GLY A 333 -1.15 -12.75 11.52
C GLY A 333 -1.56 -13.43 10.21
N THR A 334 -2.70 -14.12 10.21
CA THR A 334 -3.26 -14.77 8.98
C THR A 334 -2.23 -15.76 8.42
N GLN A 335 -1.60 -15.45 7.28
CA GLN A 335 -0.64 -16.41 6.69
C GLN A 335 0.48 -16.75 7.69
N LEU A 336 0.85 -15.79 8.55
CA LEU A 336 1.91 -15.99 9.58
C LEU A 336 1.51 -17.10 10.58
N SER A 337 0.21 -17.35 10.71
CA SER A 337 -0.28 -18.32 11.70
C SER A 337 -0.39 -19.72 11.11
N TYR A 338 -0.16 -19.87 9.80
CA TYR A 338 -0.35 -21.19 9.14
C TYR A 338 0.82 -22.12 9.50
N PRO A 339 0.54 -23.38 9.93
CA PRO A 339 1.60 -24.25 10.45
C PRO A 339 2.55 -24.78 9.36
N HIS A 340 3.80 -25.03 9.77
CA HIS A 340 4.77 -25.85 9.04
CA HIS A 340 4.70 -25.85 8.98
C HIS A 340 4.61 -27.31 9.45
N PRO A 341 5.09 -28.28 8.64
CA PRO A 341 4.97 -29.69 8.99
C PRO A 341 5.54 -30.12 10.36
N SER A 342 6.57 -29.43 10.84
CA SER A 342 7.23 -29.76 12.10
C SER A 342 6.26 -29.57 13.27
N GLU A 343 5.25 -28.71 13.08
CA GLU A 343 4.32 -28.37 14.16
C GLU A 343 3.26 -29.46 14.33
N LEU A 344 3.05 -30.28 13.30
CA LEU A 344 1.88 -31.13 13.26
C LEU A 344 2.13 -32.39 14.09
N PRO A 345 1.12 -32.86 14.87
CA PRO A 345 1.23 -34.14 15.57
C PRO A 345 1.48 -35.32 14.63
N ALA A 346 2.03 -36.40 15.19
CA ALA A 346 2.31 -37.62 14.48
C ALA A 346 1.08 -38.05 13.66
N GLY A 347 1.31 -38.46 12.42
CA GLY A 347 0.31 -39.11 11.63
C GLY A 347 -0.53 -38.13 10.82
N VAL A 348 -0.30 -36.81 10.99
CA VAL A 348 -1.06 -35.80 10.23
C VAL A 348 -0.48 -35.71 8.82
N MET A 349 0.84 -35.51 8.71
CA MET A 349 1.53 -35.39 7.40
C MET A 349 1.44 -36.72 6.63
N ARG B 23 20.84 -2.59 -8.34
CA ARG B 23 20.71 -1.24 -7.69
C ARG B 23 19.85 -0.33 -8.57
N ALA B 24 18.76 0.18 -8.01
CA ALA B 24 17.93 1.17 -8.68
C ALA B 24 18.55 2.58 -8.52
N ARG B 25 19.16 2.83 -7.35
CA ARG B 25 19.63 4.16 -6.96
C ARG B 25 20.76 4.62 -7.88
N ASN B 26 20.93 5.94 -8.02
CA ASN B 26 22.08 6.53 -8.67
C ASN B 26 23.35 6.17 -7.88
N VAL B 27 24.51 6.30 -8.56
CA VAL B 27 25.84 6.19 -7.98
C VAL B 27 26.58 7.51 -8.20
N ARG B 28 27.28 7.98 -7.16
CA ARG B 28 28.11 9.18 -7.23
C ARG B 28 29.41 8.84 -7.97
N SER B 29 30.02 9.86 -8.60
CA SER B 29 31.40 9.77 -9.09
C SER B 29 32.38 10.11 -7.95
N HIS B 30 33.67 9.82 -8.15
CA HIS B 30 34.72 10.07 -7.14
C HIS B 30 35.23 11.51 -7.26
N THR B 31 34.84 12.20 -8.34
CA THR B 31 35.28 13.57 -8.63
C THR B 31 34.12 14.57 -8.42
N GLY B 32 32.98 14.07 -7.97
CA GLY B 32 31.76 14.89 -7.75
C GLY B 32 31.26 15.55 -9.03
N GLU B 33 31.29 14.82 -10.15
CA GLU B 33 30.93 15.40 -11.45
C GLU B 33 29.41 15.59 -11.52
N TYR B 34 28.66 14.92 -10.63
CA TYR B 34 27.18 15.03 -10.63
C TYR B 34 26.66 15.55 -9.29
N ALA B 35 27.53 16.24 -8.52
CA ALA B 35 27.15 16.81 -7.23
C ALA B 35 26.06 17.84 -7.42
N PRO B 36 24.98 17.79 -6.61
CA PRO B 36 23.78 18.57 -6.87
C PRO B 36 23.95 20.04 -6.45
N ASP B 37 23.11 20.92 -7.00
CA ASP B 37 22.97 22.32 -6.56
C ASP B 37 22.11 22.36 -5.30
N ILE B 38 21.07 21.51 -5.29
CA ILE B 38 20.03 21.52 -4.28
C ILE B 38 19.96 20.12 -3.65
N LEU B 39 20.03 20.07 -2.33
CA LEU B 39 19.84 18.88 -1.52
C LEU B 39 18.53 18.99 -0.77
N VAL B 40 17.67 17.97 -0.89
CA VAL B 40 16.45 17.89 -0.13
C VAL B 40 16.59 16.75 0.88
N VAL B 41 16.47 17.08 2.17
CA VAL B 41 16.56 16.14 3.23
C VAL B 41 15.19 16.07 3.91
N GLY B 42 14.43 15.03 3.58
CA GLY B 42 13.03 14.99 3.97
C GLY B 42 12.37 13.67 3.61
N SER B 43 11.05 13.72 3.51
CA SER B 43 10.19 12.54 3.54
C SER B 43 9.88 12.07 2.11
N CYS B 44 9.72 10.76 1.97
CA CYS B 44 9.09 10.11 0.81
C CYS B 44 8.00 9.17 1.31
N PHE B 45 6.72 9.48 0.98
CA PHE B 45 5.59 8.62 1.31
C PHE B 45 4.88 8.18 0.03
N LEU B 46 4.49 6.90 -0.04
CA LEU B 46 3.53 6.47 -1.09
C LEU B 46 2.12 6.84 -0.61
N ASP B 47 1.29 7.32 -1.52
CA ASP B 47 -0.05 7.66 -1.26
C ASP B 47 -0.95 6.56 -1.79
N TYR B 48 -1.65 5.87 -0.86
CA TYR B 48 -2.60 4.82 -1.16
C TYR B 48 -3.99 5.44 -1.10
N VAL B 49 -4.52 5.82 -2.27
CA VAL B 49 -5.75 6.60 -2.33
C VAL B 49 -6.92 5.71 -2.75
N GLY B 50 -7.83 5.46 -1.81
CA GLY B 50 -9.03 4.70 -2.03
C GLY B 50 -10.25 5.61 -2.10
N TYR B 51 -10.89 5.65 -3.26
CA TYR B 51 -12.12 6.41 -3.47
C TYR B 51 -13.32 5.57 -3.01
N VAL B 52 -14.14 6.18 -2.17
CA VAL B 52 -15.20 5.50 -1.47
C VAL B 52 -16.50 6.28 -1.69
N ASP B 53 -17.61 5.52 -1.69
CA ASP B 53 -18.97 6.03 -1.78
C ASP B 53 -19.34 6.75 -0.46
N HIS B 54 -18.83 6.23 0.65
CA HIS B 54 -19.00 6.84 1.96
C HIS B 54 -17.78 6.48 2.80
N MET B 55 -17.47 7.28 3.81
CA MET B 55 -16.44 6.93 4.76
C MET B 55 -16.90 5.73 5.56
N PRO B 56 -16.01 4.75 5.82
CA PRO B 56 -16.39 3.58 6.61
C PRO B 56 -16.83 3.99 8.03
N GLN B 57 -17.91 3.33 8.50
CA GLN B 57 -18.34 3.37 9.90
C GLN B 57 -17.44 2.45 10.71
N VAL B 58 -17.42 2.64 12.04
CA VAL B 58 -16.73 1.72 12.93
C VAL B 58 -17.23 0.30 12.66
N GLY B 59 -16.31 -0.63 12.43
CA GLY B 59 -16.65 -2.03 12.24
C GLY B 59 -16.99 -2.38 10.80
N GLU B 60 -16.99 -1.40 9.90
CA GLU B 60 -17.47 -1.62 8.51
C GLU B 60 -16.32 -2.16 7.62
N THR B 61 -16.67 -3.16 6.81
CA THR B 61 -15.91 -3.56 5.65
C THR B 61 -16.65 -3.15 4.38
N MET B 62 -15.95 -2.41 3.51
CA MET B 62 -16.52 -1.94 2.23
C MET B 62 -15.51 -2.11 1.11
N HIS B 63 -15.98 -2.01 -0.14
CA HIS B 63 -15.10 -1.87 -1.29
C HIS B 63 -14.93 -0.39 -1.64
N SER B 64 -13.77 -0.03 -2.17
CA SER B 64 -13.57 1.20 -2.87
C SER B 64 -14.35 1.15 -4.19
N VAL B 65 -14.57 2.32 -4.79
CA VAL B 65 -15.06 2.41 -6.16
C VAL B 65 -13.87 2.42 -7.12
N SER B 66 -12.76 3.06 -6.69
CA SER B 66 -11.50 3.00 -7.43
C SER B 66 -10.34 3.33 -6.47
N PHE B 67 -9.13 3.22 -7.01
CA PHE B 67 -7.92 3.34 -6.23
C PHE B 67 -6.89 4.02 -7.12
N HIS B 68 -6.01 4.83 -6.49
CA HIS B 68 -4.96 5.51 -7.17
C HIS B 68 -3.71 5.44 -6.30
N LYS B 69 -2.61 4.97 -6.90
CA LYS B 69 -1.29 4.95 -6.28
C LYS B 69 -0.52 6.20 -6.69
N GLY B 70 -0.06 6.97 -5.69
CA GLY B 70 0.58 8.25 -5.93
C GLY B 70 1.86 8.39 -5.12
N PHE B 71 2.71 9.32 -5.53
CA PHE B 71 4.01 9.55 -4.90
C PHE B 71 3.97 10.88 -4.14
N GLY B 72 4.11 10.79 -2.82
CA GLY B 72 3.94 11.90 -1.94
C GLY B 72 5.08 12.00 -0.95
N GLY B 73 4.80 12.63 0.18
CA GLY B 73 5.86 13.13 1.07
C GLY B 73 6.27 14.51 0.64
N LYS B 74 6.27 15.46 1.59
CA LYS B 74 6.57 16.83 1.27
C LYS B 74 7.99 16.96 0.71
N GLY B 75 8.91 16.18 1.27
CA GLY B 75 10.30 16.16 0.82
C GLY B 75 10.40 15.81 -0.66
N ALA B 76 9.90 14.64 -1.01
CA ALA B 76 9.91 14.19 -2.39
C ALA B 76 9.15 15.17 -3.27
N ASN B 77 8.00 15.66 -2.79
CA ASN B 77 7.16 16.56 -3.57
C ASN B 77 8.00 17.79 -3.97
N GLN B 78 8.75 18.34 -3.01
CA GLN B 78 9.51 19.53 -3.24
C GLN B 78 10.69 19.23 -4.16
N ALA B 79 11.33 18.07 -3.98
CA ALA B 79 12.42 17.65 -4.84
C ALA B 79 11.93 17.50 -6.29
N VAL B 80 10.77 16.91 -6.44
CA VAL B 80 10.21 16.63 -7.75
C VAL B 80 9.76 17.93 -8.43
N ALA B 81 9.15 18.85 -7.67
CA ALA B 81 8.80 20.18 -8.24
C ALA B 81 10.06 20.80 -8.91
N ALA B 82 11.19 20.79 -8.20
CA ALA B 82 12.40 21.38 -8.68
C ALA B 82 12.94 20.56 -9.87
N GLY B 83 12.94 19.22 -9.71
CA GLY B 83 13.50 18.31 -10.69
C GLY B 83 12.76 18.39 -12.02
N ARG B 84 11.46 18.57 -11.95
CA ARG B 84 10.65 18.69 -13.16
C ARG B 84 11.05 19.96 -13.95
N LEU B 85 11.55 20.99 -13.26
CA LEU B 85 11.87 22.27 -13.92
C LEU B 85 13.31 22.24 -14.41
N GLY B 86 14.03 21.17 -14.04
CA GLY B 86 15.39 20.89 -14.54
C GLY B 86 16.47 21.05 -13.46
N ALA B 87 16.04 21.12 -12.20
CA ALA B 87 16.97 21.37 -11.07
C ALA B 87 18.01 20.25 -11.00
N LYS B 88 19.22 20.64 -10.59
CA LYS B 88 20.27 19.70 -10.20
C LYS B 88 20.07 19.34 -8.73
N VAL B 89 19.09 18.47 -8.48
CA VAL B 89 18.56 18.24 -7.14
C VAL B 89 18.77 16.77 -6.75
N ALA B 90 19.11 16.53 -5.48
CA ALA B 90 19.25 15.18 -4.92
C ALA B 90 18.38 15.06 -3.68
N MET B 91 17.79 13.87 -3.51
CA MET B 91 16.90 13.53 -2.40
C MET B 91 17.64 12.67 -1.37
N VAL B 92 17.61 13.12 -0.12
CA VAL B 92 18.15 12.35 0.98
C VAL B 92 16.98 11.95 1.87
N SER B 93 16.78 10.65 2.01
CA SER B 93 15.65 10.15 2.71
C SER B 93 15.89 8.69 3.09
N MET B 94 14.88 8.10 3.71
CA MET B 94 14.88 6.71 4.06
C MET B 94 13.62 6.07 3.53
N VAL B 95 13.81 4.94 2.84
CA VAL B 95 12.71 4.10 2.39
C VAL B 95 13.02 2.64 2.73
N GLY B 96 12.06 1.76 2.43
CA GLY B 96 12.21 0.31 2.64
C GLY B 96 13.05 -0.34 1.56
N THR B 97 13.44 -1.60 1.80
CA THR B 97 13.99 -2.44 0.74
C THR B 97 12.84 -3.05 -0.09
N ASP B 98 11.59 -2.69 0.24
CA ASP B 98 10.39 -3.26 -0.41
C ASP B 98 10.20 -2.66 -1.82
N GLY B 99 9.22 -3.20 -2.56
CA GLY B 99 8.88 -2.73 -3.90
C GLY B 99 8.51 -1.25 -3.94
N ASP B 100 7.79 -0.77 -2.92
CA ASP B 100 7.39 0.61 -2.80
C ASP B 100 8.63 1.52 -2.84
N GLY B 101 9.66 1.11 -2.10
CA GLY B 101 10.94 1.84 -2.05
C GLY B 101 11.59 1.88 -3.43
N SER B 102 11.58 0.74 -4.11
CA SER B 102 12.20 0.62 -5.39
C SER B 102 11.44 1.48 -6.40
N ASP B 103 10.10 1.42 -6.34
CA ASP B 103 9.25 2.25 -7.20
C ASP B 103 9.59 3.73 -6.99
N TYR B 104 9.75 4.15 -5.72
CA TYR B 104 9.93 5.57 -5.45
C TYR B 104 11.29 6.00 -5.99
N ILE B 105 12.31 5.17 -5.82
CA ILE B 105 13.66 5.49 -6.27
C ILE B 105 13.64 5.72 -7.79
N LYS B 106 12.97 4.83 -8.53
CA LYS B 106 12.87 4.96 -9.98
C LYS B 106 12.10 6.23 -10.36
N GLU B 107 11.04 6.55 -9.61
CA GLU B 107 10.11 7.63 -9.95
C GLU B 107 10.84 8.96 -9.76
N LEU B 108 11.69 9.04 -8.72
CA LEU B 108 12.49 10.22 -8.46
C LEU B 108 13.41 10.49 -9.64
N GLU B 109 14.06 9.43 -10.13
CA GLU B 109 14.96 9.52 -11.27
C GLU B 109 14.20 10.01 -12.50
N ARG B 110 12.97 9.51 -12.70
CA ARG B 110 12.13 9.89 -13.88
C ARG B 110 11.65 11.35 -13.78
N ASN B 111 11.86 11.96 -12.61
CA ASN B 111 11.44 13.33 -12.35
C ASN B 111 12.66 14.23 -12.15
N GLY B 112 13.84 13.71 -12.47
CA GLY B 112 15.08 14.53 -12.52
C GLY B 112 15.71 14.71 -11.14
N VAL B 113 15.46 13.76 -10.23
CA VAL B 113 16.01 13.80 -8.87
C VAL B 113 17.03 12.67 -8.69
N ASP B 114 18.22 13.04 -8.21
CA ASP B 114 19.30 12.10 -7.98
C ASP B 114 18.98 11.31 -6.70
N THR B 115 19.24 9.99 -6.70
CA THR B 115 18.81 9.12 -5.61
C THR B 115 20.00 8.48 -4.89
N ALA B 116 21.20 8.98 -5.12
CA ALA B 116 22.39 8.35 -4.57
C ALA B 116 22.30 8.27 -3.03
N TYR B 117 21.62 9.22 -2.39
CA TYR B 117 21.57 9.27 -0.90
C TYR B 117 20.16 8.94 -0.39
N MET B 118 19.42 8.15 -1.16
CA MET B 118 18.26 7.47 -0.68
C MET B 118 18.70 6.22 0.09
N PHE B 119 18.51 6.24 1.42
CA PHE B 119 18.87 5.11 2.25
C PHE B 119 17.71 4.12 2.30
N ARG B 120 18.03 2.85 2.48
CA ARG B 120 17.05 1.78 2.46
C ARG B 120 17.26 0.93 3.73
N THR B 121 16.16 0.56 4.37
CA THR B 121 16.20 -0.35 5.51
C THR B 121 15.29 -1.53 5.23
N GLY B 122 15.79 -2.73 5.55
CA GLY B 122 15.02 -3.97 5.41
C GLY B 122 14.12 -4.23 6.61
N LYS B 123 14.15 -3.35 7.62
CA LYS B 123 13.44 -3.56 8.88
C LYS B 123 12.10 -2.80 8.90
N SER B 124 11.86 -1.95 7.90
CA SER B 124 10.66 -1.13 7.83
C SER B 124 10.14 -1.15 6.39
N SER B 125 8.82 -1.03 6.25
CA SER B 125 8.19 -0.69 4.97
C SER B 125 8.50 0.78 4.64
N THR B 126 8.39 1.13 3.36
CA THR B 126 8.43 2.50 2.94
C THR B 126 7.24 3.25 3.58
N GLY B 127 7.50 4.48 4.00
CA GLY B 127 6.48 5.38 4.51
C GLY B 127 5.32 5.53 3.53
N LEU B 128 4.12 5.66 4.08
CA LEU B 128 2.92 5.78 3.24
C LEU B 128 1.81 6.52 3.99
N ALA B 129 0.85 7.01 3.21
CA ALA B 129 -0.39 7.55 3.70
C ALA B 129 -1.55 6.72 3.14
N MET B 130 -2.48 6.35 4.02
CA MET B 130 -3.69 5.70 3.62
C MET B 130 -4.79 6.74 3.61
N ILE B 131 -5.25 7.06 2.41
CA ILE B 131 -6.07 8.23 2.14
C ILE B 131 -7.40 7.74 1.57
N LEU B 132 -8.50 8.11 2.23
CA LEU B 132 -9.82 7.81 1.73
C LEU B 132 -10.44 9.10 1.22
N VAL B 133 -11.06 9.04 0.04
CA VAL B 133 -11.65 10.20 -0.59
C VAL B 133 -13.10 9.87 -0.97
N ASP B 134 -14.02 10.66 -0.39
CA ASP B 134 -15.39 10.75 -0.84
C ASP B 134 -15.53 11.98 -1.73
N THR B 135 -15.57 11.78 -3.05
CA THR B 135 -15.58 12.88 -4.00
C THR B 135 -16.95 13.59 -3.93
N LYS B 136 -18.02 12.81 -3.82
CA LYS B 136 -19.35 13.37 -3.66
C LYS B 136 -19.29 14.48 -2.60
N SER B 137 -18.72 14.16 -1.44
CA SER B 137 -18.75 15.04 -0.25
C SER B 137 -17.52 15.95 -0.22
N SER B 138 -16.52 15.62 -1.05
CA SER B 138 -15.23 16.33 -1.08
C SER B 138 -14.61 16.33 0.33
N ASN B 139 -14.70 15.18 0.99
CA ASN B 139 -14.05 14.94 2.28
C ASN B 139 -12.99 13.84 2.12
N ASN B 140 -11.97 13.91 2.97
CA ASN B 140 -10.86 12.96 3.02
C ASN B 140 -10.73 12.45 4.46
N GLU B 141 -10.22 11.23 4.59
CA GLU B 141 -9.66 10.74 5.84
C GLU B 141 -8.26 10.20 5.55
N ILE B 142 -7.29 10.56 6.40
CA ILE B 142 -5.89 10.31 6.12
C ILE B 142 -5.22 9.78 7.38
N VAL B 143 -4.56 8.62 7.23
CA VAL B 143 -3.76 7.99 8.29
C VAL B 143 -2.32 7.87 7.78
N ILE B 144 -1.42 8.59 8.44
CA ILE B 144 -0.03 8.62 8.04
CA ILE B 144 -0.04 8.62 8.05
C ILE B 144 0.71 7.50 8.77
N CYS B 145 1.48 6.73 7.99
CA CYS B 145 2.31 5.66 8.52
C CYS B 145 3.76 5.91 8.10
N PRO B 146 4.54 6.67 8.90
CA PRO B 146 5.87 7.09 8.49
C PRO B 146 6.80 5.91 8.18
N ASN B 147 6.63 4.80 8.93
CA ASN B 147 7.32 3.56 8.69
C ASN B 147 8.84 3.84 8.72
N ALA B 148 9.55 3.55 7.63
CA ALA B 148 11.00 3.66 7.55
C ALA B 148 11.46 5.06 8.00
N THR B 149 10.61 6.07 7.76
CA THR B 149 10.93 7.46 8.01
C THR B 149 11.32 7.66 9.48
N ASN B 150 10.70 6.88 10.37
CA ASN B 150 10.92 7.00 11.81
C ASN B 150 12.41 6.78 12.15
N HIS B 151 13.13 6.06 11.29
CA HIS B 151 14.51 5.64 11.57
C HIS B 151 15.50 6.54 10.81
N PHE B 152 15.00 7.65 10.25
CA PHE B 152 15.84 8.58 9.48
C PHE B 152 16.41 9.62 10.44
N THR B 153 17.37 9.17 11.25
CA THR B 153 17.82 9.92 12.42
C THR B 153 19.11 10.65 12.08
N PRO B 154 19.55 11.60 12.93
CA PRO B 154 20.82 12.27 12.69
C PRO B 154 22.02 11.32 12.81
N GLU B 155 21.91 10.34 13.72
CA GLU B 155 23.02 9.43 13.97
C GLU B 155 23.20 8.49 12.76
N LEU B 156 22.09 8.08 12.16
CA LEU B 156 22.16 7.25 10.96
CA LEU B 156 22.18 7.25 10.96
C LEU B 156 22.70 8.09 9.80
N LEU B 157 22.12 9.28 9.62
CA LEU B 157 22.52 10.17 8.54
C LEU B 157 24.04 10.39 8.61
N ARG B 158 24.54 10.73 9.81
CA ARG B 158 25.98 10.95 10.02
C ARG B 158 26.75 9.68 9.62
N ALA B 159 26.28 8.53 10.13
CA ALA B 159 27.03 7.28 9.96
C ALA B 159 27.12 6.92 8.47
N GLN B 160 26.12 7.33 7.69
CA GLN B 160 26.02 6.96 6.28
C GLN B 160 26.73 8.00 5.38
N THR B 161 27.07 9.17 5.93
CA THR B 161 27.54 10.33 5.11
C THR B 161 28.86 10.89 5.65
N ASN B 162 29.52 10.15 6.54
CA ASN B 162 30.78 10.60 7.12
C ASN B 162 30.56 11.97 7.76
N ASN B 163 29.58 12.05 8.66
CA ASN B 163 29.25 13.26 9.41
C ASN B 163 28.93 14.40 8.43
N TYR B 164 28.12 14.07 7.40
CA TYR B 164 27.49 15.04 6.49
C TYR B 164 28.47 15.44 5.36
N GLU B 165 29.70 14.95 5.42
CA GLU B 165 30.72 15.31 4.43
C GLU B 165 30.28 14.91 3.02
N ARG B 166 29.70 13.72 2.89
CA ARG B 166 29.42 13.19 1.57
C ARG B 166 28.27 13.96 0.92
N ILE B 167 27.40 14.58 1.72
CA ILE B 167 26.19 15.19 1.16
C ILE B 167 26.30 16.71 1.19
N LEU B 168 27.23 17.25 2.00
CA LEU B 168 27.41 18.69 2.06
C LEU B 168 28.76 19.09 1.46
N HIS B 169 28.99 18.74 0.19
CA HIS B 169 30.19 19.18 -0.58
C HIS B 169 30.20 20.71 -0.70
N THR B 170 31.38 21.29 -0.95
CA THR B 170 31.58 22.75 -1.06
C THR B 170 30.68 23.36 -2.15
N GLY B 171 30.46 22.61 -3.23
CA GLY B 171 29.69 23.10 -4.39
C GLY B 171 28.20 23.32 -4.08
N LEU B 172 27.72 22.80 -2.94
CA LEU B 172 26.26 22.75 -2.66
C LEU B 172 25.75 24.16 -2.34
N LYS B 173 24.64 24.55 -2.99
CA LYS B 173 24.13 25.91 -2.93
C LYS B 173 22.92 25.99 -1.99
N TYR B 174 22.04 24.98 -2.02
CA TYR B 174 20.78 25.05 -1.28
C TYR B 174 20.51 23.73 -0.56
N LEU B 175 19.87 23.84 0.60
CA LEU B 175 19.25 22.72 1.31
C LEU B 175 17.78 23.03 1.48
N ILE B 176 16.93 22.04 1.27
CA ILE B 176 15.55 22.16 1.62
C ILE B 176 15.21 21.09 2.66
N CYS B 177 14.53 21.54 3.73
CA CYS B 177 14.02 20.67 4.75
C CYS B 177 12.56 21.02 4.99
N GLN B 178 11.80 20.04 5.47
CA GLN B 178 10.47 20.25 5.94
C GLN B 178 10.38 19.70 7.37
N ASN B 179 9.16 19.38 7.78
CA ASN B 179 8.94 18.94 9.14
C ASN B 179 8.22 17.59 9.14
N GLU B 180 8.66 16.68 8.25
CA GLU B 180 7.97 15.43 8.04
C GLU B 180 8.92 14.25 8.22
N ILE B 181 10.07 14.51 8.85
CA ILE B 181 11.01 13.49 9.33
C ILE B 181 11.33 13.81 10.80
N PRO B 182 12.12 12.97 11.50
CA PRO B 182 12.45 13.27 12.88
C PRO B 182 13.07 14.68 12.99
N LEU B 183 12.53 15.48 13.91
CA LEU B 183 12.86 16.89 13.96
C LEU B 183 14.37 17.10 14.14
N PRO B 184 15.09 16.26 14.92
CA PRO B 184 16.52 16.47 15.11
C PRO B 184 17.30 16.32 13.80
N THR B 185 16.78 15.48 12.88
CA THR B 185 17.47 15.27 11.60
C THR B 185 17.38 16.58 10.80
N THR B 186 16.21 17.19 10.82
CA THR B 186 15.93 18.43 10.13
C THR B 186 16.81 19.54 10.71
N LEU B 187 16.77 19.69 12.02
CA LEU B 187 17.47 20.81 12.68
C LEU B 187 18.98 20.66 12.53
N ASP B 188 19.52 19.45 12.79
CA ASP B 188 20.94 19.22 12.75
C ASP B 188 21.47 19.46 11.33
N THR B 189 20.70 18.99 10.34
CA THR B 189 21.11 19.12 8.97
C THR B 189 21.20 20.62 8.61
N ILE B 190 20.17 21.36 8.97
CA ILE B 190 20.09 22.76 8.69
C ILE B 190 21.31 23.44 9.31
N LYS B 191 21.58 23.14 10.59
CA LYS B 191 22.68 23.80 11.30
C LYS B 191 24.00 23.50 10.60
N GLU B 192 24.27 22.22 10.31
CA GLU B 192 25.49 21.81 9.61
C GLU B 192 25.61 22.56 8.28
N ALA B 193 24.54 22.53 7.48
CA ALA B 193 24.58 23.11 6.14
C ALA B 193 24.86 24.62 6.25
N HIS B 194 24.17 25.28 7.18
CA HIS B 194 24.36 26.71 7.35
C HIS B 194 25.82 27.02 7.70
N SER B 195 26.42 26.20 8.57
CA SER B 195 27.80 26.45 9.05
C SER B 195 28.81 26.34 7.90
N ARG B 196 28.41 25.71 6.79
CA ARG B 196 29.28 25.56 5.63
C ARG B 196 28.96 26.61 4.55
N GLY B 197 28.01 27.50 4.83
CA GLY B 197 27.66 28.56 3.91
C GLY B 197 26.62 28.12 2.87
N VAL B 198 25.97 26.97 3.10
CA VAL B 198 24.80 26.57 2.27
C VAL B 198 23.63 27.47 2.65
N TYR B 199 22.86 27.90 1.65
CA TYR B 199 21.62 28.60 1.85
C TYR B 199 20.53 27.58 2.24
N THR B 200 20.05 27.69 3.49
CA THR B 200 19.12 26.74 4.06
C THR B 200 17.70 27.24 3.92
N VAL B 201 16.83 26.36 3.43
CA VAL B 201 15.43 26.64 3.26
C VAL B 201 14.63 25.69 4.15
N PHE B 202 13.80 26.24 5.05
CA PHE B 202 13.01 25.44 5.98
C PHE B 202 11.53 25.78 5.82
N ASN B 203 10.79 24.79 5.32
CA ASN B 203 9.37 24.85 5.20
C ASN B 203 8.74 24.01 6.31
N SER B 204 8.23 24.67 7.36
CA SER B 204 7.90 23.98 8.63
C SER B 204 6.52 23.32 8.49
N ALA B 205 6.45 22.30 7.61
CA ALA B 205 5.20 21.60 7.29
C ALA B 205 5.44 20.09 7.36
N PRO B 206 4.49 19.34 7.94
CA PRO B 206 3.28 19.90 8.53
C PRO B 206 3.54 20.74 9.79
N ALA B 207 2.52 21.47 10.21
CA ALA B 207 2.63 22.50 11.22
C ALA B 207 3.28 21.90 12.46
N PRO B 208 4.32 22.57 13.02
CA PRO B 208 4.97 22.08 14.23
C PRO B 208 4.05 22.10 15.46
N LYS B 209 4.12 21.02 16.24
CA LYS B 209 3.43 20.90 17.52
C LYS B 209 4.21 21.68 18.57
N PRO B 210 3.60 21.95 19.74
CA PRO B 210 4.16 22.94 20.65
C PRO B 210 5.61 22.63 21.04
N ALA B 211 5.92 21.35 21.28
CA ALA B 211 7.27 20.95 21.70
C ALA B 211 8.25 21.13 20.54
N GLU B 212 7.75 21.02 19.31
CA GLU B 212 8.53 21.22 18.09
C GLU B 212 8.88 22.70 17.92
N VAL B 213 7.90 23.58 18.16
CA VAL B 213 8.12 25.02 18.06
C VAL B 213 9.27 25.41 18.98
N GLU B 214 9.23 24.93 20.22
CA GLU B 214 10.22 25.27 21.23
C GLU B 214 11.62 24.91 20.72
N GLN B 215 11.74 23.75 20.10
CA GLN B 215 13.04 23.24 19.69
C GLN B 215 13.53 23.96 18.43
N ILE B 216 12.57 24.35 17.57
CA ILE B 216 12.87 25.00 16.27
C ILE B 216 13.48 26.40 16.50
N LYS B 217 12.94 27.14 17.46
CA LYS B 217 13.19 28.60 17.59
C LYS B 217 14.67 28.87 17.75
N PRO B 218 15.41 28.15 18.60
CA PRO B 218 16.85 28.36 18.72
C PRO B 218 17.65 28.07 17.44
N PHE B 219 17.04 27.37 16.47
CA PHE B 219 17.77 26.97 15.22
C PHE B 219 17.48 27.96 14.08
N LEU B 220 16.61 28.93 14.33
CA LEU B 220 16.16 29.82 13.29
C LEU B 220 17.29 30.72 12.80
N PRO B 221 18.32 31.04 13.62
CA PRO B 221 19.49 31.75 13.11
C PRO B 221 20.26 30.95 12.04
N TYR B 222 20.05 29.64 11.97
CA TYR B 222 20.73 28.82 10.94
C TYR B 222 19.83 28.62 9.71
N VAL B 223 18.67 29.30 9.68
CA VAL B 223 17.73 29.22 8.54
C VAL B 223 17.86 30.48 7.67
N SER B 224 18.43 30.31 6.47
CA SER B 224 18.52 31.39 5.48
C SER B 224 17.11 31.85 5.09
N LEU B 225 16.21 30.90 4.88
CA LEU B 225 14.87 31.21 4.37
C LEU B 225 13.85 30.33 5.08
N PHE B 226 13.00 30.98 5.88
CA PHE B 226 11.87 30.36 6.49
C PHE B 226 10.65 30.65 5.65
N CYS B 227 10.01 29.59 5.10
CA CYS B 227 8.91 29.74 4.16
CA CYS B 227 8.91 29.74 4.16
C CYS B 227 7.67 28.99 4.65
N PRO B 228 6.97 29.50 5.70
CA PRO B 228 5.76 28.87 6.22
C PRO B 228 4.51 29.30 5.47
N ASN B 229 3.39 28.64 5.78
CA ASN B 229 2.07 29.17 5.47
C ASN B 229 1.58 29.96 6.70
N GLU B 230 0.31 30.34 6.70
CA GLU B 230 -0.24 31.30 7.68
C GLU B 230 -0.26 30.66 9.08
N VAL B 231 -0.81 29.44 9.16
CA VAL B 231 -0.88 28.67 10.41
C VAL B 231 0.52 28.54 11.01
N GLU B 232 1.49 28.11 10.19
CA GLU B 232 2.83 27.78 10.70
C GLU B 232 3.56 29.05 11.13
N ALA B 233 3.32 30.14 10.42
CA ALA B 233 3.89 31.45 10.81
C ALA B 233 3.30 31.87 12.17
N THR B 234 2.01 31.62 12.34
CA THR B 234 1.32 31.92 13.59
C THR B 234 1.98 31.14 14.74
N LEU B 235 2.20 29.84 14.52
CA LEU B 235 2.65 28.95 15.57
C LEU B 235 4.04 29.34 16.04
N ILE B 236 4.87 29.80 15.11
CA ILE B 236 6.26 30.09 15.41
C ILE B 236 6.35 31.44 16.15
N THR B 237 5.59 32.44 15.68
CA THR B 237 5.85 33.85 16.04
C THR B 237 4.97 34.28 17.21
N GLY B 238 3.81 33.63 17.36
CA GLY B 238 2.72 34.09 18.22
C GLY B 238 1.82 35.12 17.54
N VAL B 239 2.32 35.70 16.44
CA VAL B 239 1.59 36.69 15.63
C VAL B 239 0.51 35.96 14.84
N LYS B 240 -0.76 36.26 15.13
CA LYS B 240 -1.88 35.63 14.46
C LYS B 240 -1.95 36.16 13.02
N VAL B 241 -1.73 35.27 12.05
CA VAL B 241 -1.61 35.67 10.63
C VAL B 241 -2.86 35.20 9.89
N THR B 242 -3.60 36.18 9.35
CA THR B 242 -4.86 35.93 8.67
C THR B 242 -4.88 36.66 7.33
N ASP B 243 -3.98 37.65 7.17
CA ASP B 243 -4.02 38.61 6.05
C ASP B 243 -2.63 39.23 5.87
N THR B 244 -2.52 40.20 4.95
CA THR B 244 -1.23 40.74 4.50
C THR B 244 -0.56 41.48 5.65
N GLU B 245 -1.30 42.41 6.26
CA GLU B 245 -0.76 43.29 7.29
C GLU B 245 -0.16 42.43 8.42
N SER B 246 -0.96 41.46 8.91
CA SER B 246 -0.50 40.58 10.00
C SER B 246 0.70 39.71 9.54
N ALA B 247 0.68 39.30 8.26
CA ALA B 247 1.75 38.46 7.70
C ALA B 247 3.07 39.24 7.70
N PHE B 248 3.00 40.55 7.34
CA PHE B 248 4.16 41.46 7.42
C PHE B 248 4.68 41.50 8.86
N SER B 249 3.76 41.52 9.83
CA SER B 249 4.11 41.55 11.24
C SER B 249 4.87 40.27 11.61
N ALA B 250 4.39 39.14 11.10
CA ALA B 250 5.01 37.82 11.35
C ALA B 250 6.44 37.80 10.78
N ILE B 251 6.62 38.43 9.60
CA ILE B 251 7.95 38.55 8.98
C ILE B 251 8.92 39.25 9.96
N LYS B 252 8.50 40.38 10.51
CA LYS B 252 9.34 41.12 11.45
C LYS B 252 9.70 40.20 12.64
N ALA B 253 8.70 39.50 13.18
CA ALA B 253 8.89 38.60 14.31
C ALA B 253 9.96 37.54 13.96
N LEU B 254 9.90 37.01 12.73
CA LEU B 254 10.80 35.92 12.27
C LEU B 254 12.23 36.45 12.07
N GLN B 255 12.34 37.70 11.58
CA GLN B 255 13.67 38.36 11.47
C GLN B 255 14.28 38.51 12.87
N GLN B 256 13.44 38.88 13.84
CA GLN B 256 13.88 39.09 15.23
C GLN B 256 14.36 37.75 15.82
N LEU B 257 13.78 36.64 15.36
CA LEU B 257 14.18 35.29 15.81
C LEU B 257 15.47 34.86 15.09
N GLY B 258 15.92 35.66 14.13
CA GLY B 258 17.24 35.52 13.52
C GLY B 258 17.18 35.01 12.07
N VAL B 259 15.99 34.91 11.48
CA VAL B 259 15.87 34.44 10.09
C VAL B 259 16.22 35.60 9.15
N ARG B 260 17.05 35.29 8.13
CA ARG B 260 17.57 36.28 7.16
C ARG B 260 16.46 36.67 6.18
N ASP B 261 16.01 35.70 5.37
CA ASP B 261 14.95 35.89 4.38
C ASP B 261 13.68 35.17 4.83
N VAL B 262 12.53 35.78 4.58
CA VAL B 262 11.25 35.24 4.98
C VAL B 262 10.27 35.31 3.81
N VAL B 263 9.55 34.21 3.59
CA VAL B 263 8.44 34.16 2.68
C VAL B 263 7.29 33.48 3.41
N ILE B 264 6.10 34.07 3.35
CA ILE B 264 4.93 33.41 3.86
C ILE B 264 3.93 33.26 2.73
N THR B 265 3.52 32.01 2.46
CA THR B 265 2.56 31.74 1.42
C THR B 265 1.16 31.91 2.02
N LEU B 266 0.21 32.34 1.17
CA LEU B 266 -1.11 32.82 1.59
C LEU B 266 -2.19 32.17 0.72
N GLY B 267 -1.94 30.97 0.22
CA GLY B 267 -2.92 30.31 -0.66
C GLY B 267 -3.26 31.19 -1.86
N ALA B 268 -4.56 31.41 -2.10
CA ALA B 268 -5.07 32.19 -3.26
C ALA B 268 -4.63 33.65 -3.18
N ALA B 269 -4.15 34.10 -2.01
CA ALA B 269 -3.71 35.47 -1.81
C ALA B 269 -2.20 35.62 -2.11
N GLY B 270 -1.57 34.57 -2.64
CA GLY B 270 -0.17 34.65 -3.13
C GLY B 270 0.85 34.45 -2.02
N PHE B 271 1.75 35.43 -1.85
CA PHE B 271 2.74 35.38 -0.78
C PHE B 271 3.12 36.80 -0.36
N VAL B 272 3.79 36.88 0.80
CA VAL B 272 4.56 38.05 1.20
C VAL B 272 6.01 37.60 1.42
N LEU B 273 6.95 38.54 1.29
CA LEU B 273 8.34 38.22 1.61
C LEU B 273 9.09 39.49 2.00
N SER B 274 10.24 39.28 2.64
CA SER B 274 11.30 40.27 2.82
C SER B 274 12.66 39.61 2.59
N GLU B 275 13.45 40.17 1.67
CA GLU B 275 14.86 39.82 1.46
C GLU B 275 15.73 40.54 2.50
N ASN B 276 16.33 39.78 3.41
CA ASN B 276 17.38 40.29 4.28
C ASN B 276 16.95 41.62 4.93
N GLY B 277 15.69 41.68 5.38
CA GLY B 277 15.21 42.75 6.26
C GLY B 277 14.68 43.98 5.51
N ALA B 278 14.57 43.88 4.19
CA ALA B 278 14.04 44.97 3.37
C ALA B 278 12.53 45.10 3.61
N GLU B 279 11.99 46.29 3.31
CA GLU B 279 10.57 46.51 3.32
C GLU B 279 9.89 45.31 2.66
N PRO B 280 8.90 44.68 3.31
CA PRO B 280 8.24 43.50 2.77
C PRO B 280 7.39 43.83 1.54
N VAL B 281 7.04 42.80 0.78
CA VAL B 281 6.28 42.91 -0.45
C VAL B 281 5.18 41.87 -0.42
N HIS B 282 4.07 42.21 -1.04
CA HIS B 282 2.97 41.30 -1.22
C HIS B 282 2.75 41.12 -2.72
N VAL B 283 2.78 39.88 -3.17
CA VAL B 283 2.37 39.57 -4.53
C VAL B 283 1.17 38.64 -4.43
N THR B 284 0.06 39.05 -5.04
CA THR B 284 -1.18 38.33 -4.84
C THR B 284 -1.14 37.07 -5.70
N GLY B 285 -2.10 36.17 -5.47
CA GLY B 285 -2.20 34.96 -6.22
C GLY B 285 -2.61 35.22 -7.66
N LYS B 286 -2.15 34.33 -8.56
CA LYS B 286 -2.70 34.22 -9.89
C LYS B 286 -4.16 33.77 -9.76
N HIS B 287 -5.04 34.41 -10.52
CA HIS B 287 -6.45 34.07 -10.54
C HIS B 287 -6.66 32.89 -11.47
N VAL B 288 -6.90 31.70 -10.90
CA VAL B 288 -7.16 30.49 -11.68
C VAL B 288 -8.33 29.75 -11.06
N LYS B 289 -8.83 28.75 -11.81
CA LYS B 289 -9.86 27.83 -11.38
C LYS B 289 -9.23 26.65 -10.61
N ALA B 290 -9.18 26.76 -9.28
CA ALA B 290 -8.64 25.72 -8.39
C ALA B 290 -9.55 24.48 -8.47
N VAL B 291 -8.97 23.37 -8.94
CA VAL B 291 -9.66 22.08 -9.00
C VAL B 291 -9.13 21.17 -7.89
N ASP B 292 -7.83 21.23 -7.62
CA ASP B 292 -7.21 20.41 -6.58
C ASP B 292 -5.91 21.07 -6.17
N THR B 293 -5.84 21.52 -4.92
CA THR B 293 -4.71 22.30 -4.46
C THR B 293 -3.69 21.40 -3.74
N THR B 294 -3.92 20.08 -3.71
CA THR B 294 -3.00 19.16 -2.99
C THR B 294 -1.59 19.31 -3.56
N GLY B 295 -0.61 19.55 -2.67
CA GLY B 295 0.79 19.60 -3.04
C GLY B 295 1.22 20.94 -3.64
N ALA B 296 0.30 21.92 -3.63
CA ALA B 296 0.57 23.26 -4.22
C ALA B 296 1.71 23.96 -3.47
N GLY B 297 1.70 23.91 -2.13
CA GLY B 297 2.79 24.50 -1.30
C GLY B 297 4.14 23.90 -1.62
N ASP B 298 4.19 22.57 -1.74
CA ASP B 298 5.42 21.86 -2.06
C ASP B 298 5.92 22.28 -3.45
N CYS B 299 5.00 22.43 -4.40
CA CYS B 299 5.31 22.96 -5.73
C CYS B 299 5.96 24.34 -5.61
N PHE B 300 5.36 25.21 -4.81
CA PHE B 300 5.87 26.58 -4.65
C PHE B 300 7.30 26.53 -4.09
N VAL B 301 7.50 25.79 -2.99
CA VAL B 301 8.81 25.75 -2.35
C VAL B 301 9.87 25.24 -3.33
N GLY B 302 9.61 24.08 -3.96
CA GLY B 302 10.59 23.45 -4.83
C GLY B 302 10.91 24.31 -6.05
N SER B 303 9.85 24.91 -6.64
CA SER B 303 9.98 25.80 -7.79
C SER B 303 10.81 27.02 -7.38
N MET B 304 10.47 27.59 -6.22
CA MET B 304 11.16 28.77 -5.71
C MET B 304 12.68 28.51 -5.66
N VAL B 305 13.10 27.38 -5.09
CA VAL B 305 14.52 27.09 -4.92
C VAL B 305 15.16 26.82 -6.28
N TYR B 306 14.44 26.13 -7.18
CA TYR B 306 14.95 25.93 -8.52
C TYR B 306 15.36 27.29 -9.12
N PHE B 307 14.45 28.26 -9.05
CA PHE B 307 14.66 29.55 -9.72
C PHE B 307 15.83 30.27 -9.07
N MET B 308 15.95 30.16 -7.74
CA MET B 308 17.07 30.77 -7.05
C MET B 308 18.38 30.10 -7.50
N SER B 309 18.34 28.78 -7.74
CA SER B 309 19.52 28.05 -8.19
C SER B 309 19.90 28.49 -9.62
N ARG B 310 18.94 29.04 -10.35
CA ARG B 310 19.18 29.50 -11.71
C ARG B 310 19.68 30.96 -11.70
N GLY B 311 19.68 31.57 -10.52
CA GLY B 311 20.37 32.86 -10.29
C GLY B 311 19.41 34.01 -10.05
N ARG B 312 18.11 33.71 -9.99
CA ARG B 312 17.11 34.73 -9.67
C ARG B 312 17.17 35.06 -8.18
N ASN B 313 16.85 36.30 -7.84
CA ASN B 313 16.77 36.75 -6.46
C ASN B 313 15.45 36.26 -5.86
N LEU B 314 15.26 36.47 -4.56
CA LEU B 314 14.18 35.85 -3.80
C LEU B 314 12.82 36.23 -4.43
N LEU B 315 12.64 37.53 -4.75
CA LEU B 315 11.35 37.99 -5.22
C LEU B 315 11.06 37.42 -6.62
N GLU B 316 12.10 37.41 -7.48
CA GLU B 316 11.94 36.91 -8.85
C GLU B 316 11.58 35.41 -8.77
N ALA B 317 12.27 34.69 -7.89
CA ALA B 317 12.02 33.23 -7.69
C ALA B 317 10.58 33.03 -7.24
N CYS B 318 10.17 33.76 -6.21
CA CYS B 318 8.85 33.57 -5.58
C CYS B 318 7.72 33.95 -6.55
N LYS B 319 7.97 34.95 -7.41
CA LYS B 319 6.95 35.34 -8.39
C LYS B 319 6.68 34.18 -9.35
N ARG B 320 7.75 33.47 -9.73
CA ARG B 320 7.64 32.37 -10.72
C ARG B 320 7.11 31.10 -10.03
N ALA B 321 7.47 30.93 -8.75
CA ALA B 321 6.99 29.84 -7.92
C ALA B 321 5.48 29.99 -7.72
N ASN B 322 5.06 31.25 -7.50
CA ASN B 322 3.68 31.60 -7.36
C ASN B 322 2.92 31.16 -8.62
N GLU B 323 3.54 31.33 -9.79
CA GLU B 323 2.89 31.02 -11.08
C GLU B 323 2.80 29.49 -11.27
N CYS B 324 3.88 28.78 -10.91
CA CYS B 324 3.94 27.33 -11.05
C CYS B 324 2.89 26.67 -10.13
N ALA B 325 2.74 27.19 -8.90
CA ALA B 325 1.80 26.61 -7.92
C ALA B 325 0.35 26.85 -8.37
N ALA B 326 0.07 28.07 -8.89
CA ALA B 326 -1.22 28.38 -9.47
C ALA B 326 -1.59 27.37 -10.56
N ILE B 327 -0.63 27.13 -11.46
CA ILE B 327 -0.83 26.16 -12.54
C ILE B 327 -1.11 24.77 -11.93
N SER B 328 -0.39 24.41 -10.87
CA SER B 328 -0.57 23.10 -10.29
C SER B 328 -2.01 22.93 -9.72
N VAL B 329 -2.61 23.99 -9.18
CA VAL B 329 -3.91 23.85 -8.51
C VAL B 329 -5.01 23.67 -9.55
N THR B 330 -4.71 23.86 -10.85
CA THR B 330 -5.75 23.79 -11.90
C THR B 330 -6.03 22.35 -12.30
N ARG B 331 -5.24 21.40 -11.78
CA ARG B 331 -5.54 20.01 -12.05
C ARG B 331 -5.15 19.08 -10.88
N LYS B 332 -5.78 17.92 -10.90
CA LYS B 332 -5.57 16.82 -9.97
C LYS B 332 -4.17 16.23 -10.19
N GLY B 333 -3.65 15.53 -9.18
CA GLY B 333 -2.57 14.56 -9.38
C GLY B 333 -1.36 14.81 -8.47
N THR B 334 -1.39 15.90 -7.69
CA THR B 334 -0.26 16.26 -6.82
C THR B 334 1.01 16.43 -7.66
N GLN B 335 1.99 15.54 -7.53
CA GLN B 335 3.23 15.65 -8.34
C GLN B 335 2.89 15.74 -9.85
N LEU B 336 1.88 14.99 -10.29
CA LEU B 336 1.56 14.93 -11.72
C LEU B 336 1.08 16.31 -12.21
N SER B 337 0.61 17.15 -11.29
CA SER B 337 0.11 18.49 -11.66
C SER B 337 1.24 19.52 -11.70
N TYR B 338 2.46 19.13 -11.27
CA TYR B 338 3.60 20.04 -11.29
C TYR B 338 4.09 20.22 -12.73
N PRO B 339 4.35 21.47 -13.16
CA PRO B 339 4.66 21.71 -14.57
C PRO B 339 6.09 21.29 -14.94
N HIS B 340 6.23 20.88 -16.21
CA HIS B 340 7.50 20.85 -16.90
C HIS B 340 7.67 22.14 -17.71
N PRO B 341 8.91 22.53 -18.06
CA PRO B 341 9.16 23.82 -18.70
C PRO B 341 8.40 24.02 -20.01
N SER B 342 8.30 22.97 -20.82
CA SER B 342 7.67 23.06 -22.16
C SER B 342 6.17 23.38 -22.04
N GLU B 343 5.60 23.06 -20.88
CA GLU B 343 4.19 23.24 -20.63
C GLU B 343 3.89 24.69 -20.23
N LEU B 344 4.90 25.38 -19.68
CA LEU B 344 4.69 26.67 -19.06
C LEU B 344 4.39 27.72 -20.14
N PRO B 345 3.49 28.67 -19.86
CA PRO B 345 3.32 29.83 -20.74
C PRO B 345 4.65 30.62 -20.84
N ALA B 346 4.88 31.24 -22.00
CA ALA B 346 6.09 32.03 -22.23
C ALA B 346 6.27 33.08 -21.12
N GLY B 347 7.49 33.21 -20.61
CA GLY B 347 7.84 34.27 -19.69
C GLY B 347 7.92 33.83 -18.23
N VAL B 348 7.79 32.52 -17.97
CA VAL B 348 7.89 32.01 -16.60
C VAL B 348 9.34 31.60 -16.33
N MET B 349 9.89 30.76 -17.22
CA MET B 349 11.26 30.21 -17.07
C MET B 349 12.29 31.35 -17.17
#